data_4UVA
#
_entry.id   4UVA
#
_cell.length_a   118.970
_cell.length_b   179.910
_cell.length_c   234.550
_cell.angle_alpha   90.00
_cell.angle_beta   90.00
_cell.angle_gamma   90.00
#
_symmetry.space_group_name_H-M   'I 2 2 2'
#
loop_
_entity.id
_entity.type
_entity.pdbx_description
1 polymer 'LYSINE-SPECIFIC HISTONE DEMETHYLASE 1A'
2 polymer 'REST COREPRESSOR 1'
3 non-polymer '[(2R,3S,4R,5R)-5-(6-amino-9H-purin-9-yl)-3,4-dihydroxytetrahydrofuran-2-yl]methyl (2R,3S,4S)-2,3,4-trihydroxy-5-[(4aS)-4a-[(1S,3E)-3-imino-1-phenylbutyl]-7,8-dimethyl-2,4-dioxo-3,4,4a,5-tetrahydrobenzo[g]pteridin-10(2H)-yl]pentyl dihydrogen diphosphate'
4 water water
#
loop_
_entity_poly.entity_id
_entity_poly.type
_entity_poly.pdbx_seq_one_letter_code
_entity_poly.pdbx_strand_id
1 'polypeptide(L)'
;MLSGKKAAAAAAAAAAAATGTEAGPGTAGGSENGSEVAAQPAGLSGPAEVGPGAVGERTPRKKEPPRASPPGGLAEPPGS
AGPQAGPTVVPGSATPMETGIAETPEGRRTSRRKRAKVEYREMDESLANLSEDEYYSEEERNAKAEKEKKLPPPPPQAPP
EEENESEPEEPSGQAGGLQDDSSGGYGDGQPSGVEGAAFQSRLPHDRMTSQEAACFPDIISGPQQTQKVFLFIRNRTLQL
WLDNPKIQLTFEATLQQLEAPYNSDTVLVHRVHSYLERHGLINFGIYKRIKPLPTKKTGKVIIIGSGVSGLAAARQLQSF
GMDVTLLEARDRVGGRVATFRKGNYVADLGAMVVTGLGGNPMAVVSKQVNMELAKIKQKCPLYEANGQAVPKEKDEMVEQ
EFNRLLEATSYLSHQLDFNVLNNKPVSLGQALEVVIQLQEKHVKDEQIEHWKKIVKTQEELKELLNKMVNLKEKIKELHQ
QYKEASEVKPPRDITAEFLVKSKHRDLTALCKEYDELAETQGKLEEKLQELEANPPSDVYLSSRDRQILDWHFANLEFAN
ATPLSTLSLKHWDQDDDFEFTGSHLTVRNGYSCVPVALAEGLDIKLNTAVRQVRYTASGCEVIAVNTRSTSQTFIYKCDA
VLCTLPLGVLKQQPPAVQFVPPLPEWKTSAVQRMGFGNLNKVVLCFDRVFWDPSVNLFGHVGSTTASRGELFLFWNLYKA
PILLALVAGEAAGIMENISDDVIVGRCLAILKGIFGSSAVPQPKETVVSRWRADPWARGSYSYVAAGSSGNDYDLMAQPI
TPGPSIPGAPQPIPRLFFAGEHTIRNYPATVHGALLSGLREAGRIADQFLGAMYTLPRQATPGVPAQQSPSM
;
A
2 'polypeptide(L)'
;MVEKGPEVSGKRRGRNNAAASASAAAASAAASAACASPAATAASGAAASSASAAAASAAAAPNNGQNKSLAAAAPNGNSS
SNSWEEGSSGSSSDEEHGGGGMRVGPQYQAVVPDFDPAKLARRSQERDNLGMLVWSPNQNLSEAKLDEYIAIAKEKHGYN
MEQALGMLFWHKHNIEKSLADLPNFTPFPDEWTVEDKVLFEQAFSFHGKTFHRIQQMLPDKSIASLVKFYYSWKKTRTKT
SVMDRHARKQKREREESEDELEEANGNNPIDIEVDQNKESKKEVPPTETVPQVKKEKHSTQAKNRAKRKPPKGMFLSQED
VEAVSANATAATTVLRQLDMELVSVKRQIQNIKQTNSALKEKLDGGIEPYRLPEVIQKCNARWTTEEQLLAVQAIRKYGR
DFQAISDVIGNKSVVQVKNFFVNYRRRFNIDEVLQEWEAEHGKEETNGPSNQKPVKSPDNSIKMPEEEDEAPVLDVRYAS
AS
;
B
#
# COMPACT_ATOMS: atom_id res chain seq x y z
N PRO A 191 -14.60 -22.53 -9.43
CA PRO A 191 -15.92 -23.13 -9.29
C PRO A 191 -16.49 -23.60 -10.64
N SER A 192 -17.28 -24.68 -10.61
CA SER A 192 -17.91 -25.24 -11.82
C SER A 192 -19.30 -25.83 -11.53
N GLY A 193 -20.06 -26.05 -12.60
CA GLY A 193 -21.43 -26.56 -12.51
C GLY A 193 -22.43 -25.43 -12.33
N VAL A 194 -23.47 -25.69 -11.53
CA VAL A 194 -24.47 -24.67 -11.23
C VAL A 194 -23.91 -23.62 -10.27
N GLU A 195 -23.01 -24.04 -9.39
CA GLU A 195 -22.40 -23.14 -8.42
C GLU A 195 -21.42 -22.17 -9.06
N GLY A 196 -20.82 -22.59 -10.18
CA GLY A 196 -19.90 -21.75 -10.94
C GLY A 196 -20.63 -20.65 -11.68
N ALA A 197 -21.83 -20.98 -12.16
CA ALA A 197 -22.70 -20.02 -12.84
C ALA A 197 -23.13 -18.87 -11.93
N ALA A 198 -23.34 -19.18 -10.65
CA ALA A 198 -23.65 -18.16 -9.66
C ALA A 198 -22.46 -17.23 -9.45
N PHE A 199 -21.27 -17.83 -9.40
CA PHE A 199 -20.02 -17.08 -9.27
C PHE A 199 -19.78 -16.19 -10.50
N GLN A 200 -20.00 -16.76 -11.68
CA GLN A 200 -19.81 -16.03 -12.94
C GLN A 200 -20.83 -14.90 -13.11
N SER A 201 -21.87 -14.93 -12.29
CA SER A 201 -22.90 -13.88 -12.26
C SER A 201 -22.81 -13.00 -11.00
N ARG A 202 -21.69 -13.12 -10.28
CA ARG A 202 -21.42 -12.33 -9.07
C ARG A 202 -22.44 -12.56 -7.96
N LEU A 203 -22.98 -13.78 -7.89
CA LEU A 203 -24.01 -14.15 -6.91
C LEU A 203 -23.56 -15.29 -6.02
N PRO A 204 -23.92 -15.24 -4.72
CA PRO A 204 -23.65 -16.37 -3.82
C PRO A 204 -24.54 -17.55 -4.17
N HIS A 205 -23.94 -18.70 -4.45
CA HIS A 205 -24.65 -19.88 -4.96
C HIS A 205 -25.61 -20.49 -3.97
N ASP A 206 -25.35 -20.29 -2.68
CA ASP A 206 -26.11 -20.96 -1.63
C ASP A 206 -26.88 -20.00 -0.72
N ARG A 207 -27.11 -18.79 -1.22
CA ARG A 207 -27.82 -17.76 -0.46
C ARG A 207 -28.58 -16.82 -1.38
N MET A 208 -29.74 -16.35 -0.92
CA MET A 208 -30.54 -15.40 -1.66
C MET A 208 -30.06 -13.97 -1.42
N THR A 209 -29.93 -13.20 -2.49
CA THR A 209 -29.47 -11.80 -2.41
C THR A 209 -30.59 -10.88 -1.94
N SER A 210 -30.22 -9.66 -1.58
CA SER A 210 -31.19 -8.64 -1.15
C SER A 210 -32.21 -8.32 -2.24
N GLN A 211 -31.76 -8.28 -3.48
CA GLN A 211 -32.63 -8.05 -4.63
C GLN A 211 -33.65 -9.19 -4.77
N GLU A 212 -33.16 -10.42 -4.68
CA GLU A 212 -34.00 -11.62 -4.76
C GLU A 212 -35.03 -11.66 -3.63
N ALA A 213 -34.62 -11.19 -2.45
CA ALA A 213 -35.52 -11.08 -1.31
C ALA A 213 -36.68 -10.13 -1.59
N ALA A 214 -36.41 -9.08 -2.36
CA ALA A 214 -37.43 -8.09 -2.70
C ALA A 214 -38.46 -8.61 -3.71
N CYS A 215 -37.98 -9.34 -4.72
CA CYS A 215 -38.87 -9.91 -5.75
C CYS A 215 -39.57 -11.19 -5.30
N PHE A 216 -38.94 -11.93 -4.39
CA PHE A 216 -39.49 -13.21 -3.92
C PHE A 216 -39.60 -13.24 -2.40
N PRO A 217 -40.35 -12.28 -1.81
CA PRO A 217 -40.41 -12.24 -0.34
C PRO A 217 -41.12 -13.46 0.25
N ASP A 218 -41.96 -14.11 -0.55
CA ASP A 218 -42.65 -15.32 -0.14
C ASP A 218 -41.66 -16.48 0.08
N ILE A 219 -40.68 -16.59 -0.82
CA ILE A 219 -39.71 -17.69 -0.79
C ILE A 219 -38.66 -17.53 0.32
N ILE A 220 -38.01 -16.36 0.39
CA ILE A 220 -36.97 -16.13 1.38
C ILE A 220 -37.48 -16.18 2.82
N SER A 221 -38.69 -15.70 3.06
CA SER A 221 -39.29 -15.76 4.40
C SER A 221 -39.91 -17.13 4.67
N GLY A 222 -39.97 -17.96 3.63
CA GLY A 222 -40.56 -19.30 3.73
C GLY A 222 -39.60 -20.36 4.23
N PRO A 223 -39.98 -21.65 4.05
CA PRO A 223 -39.16 -22.80 4.47
C PRO A 223 -37.87 -22.98 3.65
N GLN A 224 -36.82 -23.43 4.34
CA GLN A 224 -35.48 -23.59 3.76
C GLN A 224 -35.42 -24.44 2.50
N GLN A 225 -36.31 -25.44 2.42
CA GLN A 225 -36.33 -26.35 1.29
C GLN A 225 -36.73 -25.63 0.00
N THR A 226 -37.70 -24.73 0.10
CA THR A 226 -38.16 -23.94 -1.05
C THR A 226 -37.04 -23.02 -1.54
N GLN A 227 -36.33 -22.41 -0.60
CA GLN A 227 -35.18 -21.55 -0.90
C GLN A 227 -34.12 -22.25 -1.74
N LYS A 228 -33.80 -23.50 -1.38
CA LYS A 228 -32.83 -24.31 -2.12
C LYS A 228 -33.32 -24.67 -3.52
N VAL A 229 -34.63 -24.86 -3.65
CA VAL A 229 -35.25 -25.11 -4.96
C VAL A 229 -35.13 -23.85 -5.81
N PHE A 230 -35.47 -22.71 -5.21
CA PHE A 230 -35.30 -21.40 -5.84
C PHE A 230 -33.87 -21.23 -6.33
N LEU A 231 -32.93 -21.39 -5.39
CA LEU A 231 -31.51 -21.17 -5.67
C LEU A 231 -31.01 -22.06 -6.80
N PHE A 232 -31.42 -23.33 -6.80
CA PHE A 232 -31.04 -24.25 -7.87
C PHE A 232 -31.60 -23.81 -9.22
N ILE A 233 -32.87 -23.41 -9.24
CA ILE A 233 -33.52 -22.94 -10.47
C ILE A 233 -32.73 -21.74 -11.00
N ARG A 234 -32.49 -20.76 -10.12
CA ARG A 234 -31.71 -19.59 -10.46
C ARG A 234 -30.35 -19.96 -11.07
N ASN A 235 -29.57 -20.73 -10.31
CA ASN A 235 -28.23 -21.15 -10.72
C ASN A 235 -28.21 -21.94 -12.02
N ARG A 236 -29.20 -22.82 -12.20
CA ARG A 236 -29.29 -23.66 -13.40
C ARG A 236 -29.65 -22.85 -14.65
N THR A 237 -30.58 -21.91 -14.49
CA THR A 237 -30.97 -21.01 -15.58
C THR A 237 -29.77 -20.17 -16.02
N LEU A 238 -29.03 -19.65 -15.04
CA LEU A 238 -27.80 -18.92 -15.29
C LEU A 238 -26.80 -19.75 -16.08
N GLN A 239 -26.59 -20.99 -15.63
CA GLN A 239 -25.69 -21.93 -16.30
C GLN A 239 -26.07 -22.10 -17.76
N LEU A 240 -27.36 -22.31 -18.01
CA LEU A 240 -27.89 -22.50 -19.36
C LEU A 240 -27.59 -21.30 -20.26
N TRP A 241 -27.81 -20.10 -19.75
CA TRP A 241 -27.50 -18.87 -20.47
C TRP A 241 -26.02 -18.73 -20.71
N LEU A 242 -25.23 -19.04 -19.69
CA LEU A 242 -23.78 -18.87 -19.76
C LEU A 242 -23.11 -19.85 -20.73
N ASP A 243 -23.61 -21.08 -20.75
CA ASP A 243 -23.09 -22.12 -21.65
C ASP A 243 -23.29 -21.76 -23.12
N ASN A 244 -24.33 -20.98 -23.40
CA ASN A 244 -24.60 -20.49 -24.74
C ASN A 244 -25.20 -19.08 -24.72
N PRO A 245 -24.34 -18.06 -24.74
CA PRO A 245 -24.80 -16.68 -24.65
C PRO A 245 -25.01 -16.01 -26.01
N LYS A 246 -24.96 -16.79 -27.09
CA LYS A 246 -25.18 -16.25 -28.45
C LYS A 246 -26.63 -16.41 -28.92
N ILE A 247 -27.45 -17.10 -28.14
CA ILE A 247 -28.89 -17.23 -28.43
C ILE A 247 -29.73 -16.92 -27.19
N GLN A 248 -30.89 -16.31 -27.42
CA GLN A 248 -31.83 -16.00 -26.35
C GLN A 248 -32.24 -17.26 -25.59
N LEU A 249 -32.29 -17.17 -24.27
CA LEU A 249 -32.79 -18.27 -23.45
C LEU A 249 -34.20 -17.96 -22.97
N THR A 250 -35.17 -18.61 -23.60
CA THR A 250 -36.58 -18.40 -23.30
C THR A 250 -37.02 -19.21 -22.09
N PHE A 251 -38.18 -18.88 -21.55
CA PHE A 251 -38.76 -19.62 -20.43
C PHE A 251 -39.05 -21.08 -20.80
N GLU A 252 -39.53 -21.29 -22.03
CA GLU A 252 -39.81 -22.62 -22.55
C GLU A 252 -38.56 -23.49 -22.60
N ALA A 253 -37.49 -22.94 -23.18
CA ALA A 253 -36.21 -23.63 -23.27
C ALA A 253 -35.62 -23.95 -21.89
N THR A 254 -35.89 -23.08 -20.92
CA THR A 254 -35.41 -23.24 -19.55
C THR A 254 -36.11 -24.41 -18.87
N LEU A 255 -37.45 -24.40 -18.90
CA LEU A 255 -38.28 -25.42 -18.27
C LEU A 255 -38.02 -26.80 -18.87
N GLN A 256 -37.76 -26.81 -20.18
CA GLN A 256 -37.43 -28.02 -20.92
C GLN A 256 -36.25 -28.76 -20.30
N GLN A 257 -35.18 -28.04 -20.00
CA GLN A 257 -33.94 -28.64 -19.49
C GLN A 257 -33.88 -28.78 -17.97
N LEU A 258 -34.96 -28.40 -17.28
CA LEU A 258 -35.05 -28.58 -15.84
C LEU A 258 -35.59 -29.96 -15.46
N GLU A 259 -35.11 -30.49 -14.34
CA GLU A 259 -35.48 -31.82 -13.85
C GLU A 259 -36.45 -31.75 -12.68
N ALA A 260 -37.07 -32.88 -12.35
CA ALA A 260 -37.87 -33.01 -11.15
C ALA A 260 -36.94 -33.06 -9.94
N PRO A 261 -37.37 -32.50 -8.79
CA PRO A 261 -38.66 -31.84 -8.53
C PRO A 261 -38.65 -30.34 -8.83
N TYR A 262 -37.67 -29.88 -9.61
CA TYR A 262 -37.50 -28.46 -9.88
C TYR A 262 -38.42 -27.94 -10.98
N ASN A 263 -38.72 -28.79 -11.95
CA ASN A 263 -39.62 -28.41 -13.05
C ASN A 263 -41.10 -28.68 -12.77
N SER A 264 -41.42 -28.95 -11.52
CA SER A 264 -42.79 -29.23 -11.10
C SER A 264 -43.61 -27.95 -10.92
N ASP A 265 -43.00 -26.94 -10.29
CA ASP A 265 -43.65 -25.65 -10.09
C ASP A 265 -43.29 -24.71 -11.24
N THR A 266 -44.17 -24.63 -12.23
CA THR A 266 -43.90 -23.88 -13.45
C THR A 266 -44.00 -22.36 -13.28
N VAL A 267 -44.77 -21.90 -12.28
CA VAL A 267 -44.85 -20.46 -12.00
C VAL A 267 -43.59 -19.96 -11.30
N LEU A 268 -43.02 -20.78 -10.42
CA LEU A 268 -41.74 -20.48 -9.78
C LEU A 268 -40.62 -20.35 -10.81
N VAL A 269 -40.59 -21.27 -11.78
CA VAL A 269 -39.63 -21.22 -12.88
C VAL A 269 -39.84 -19.97 -13.73
N HIS A 270 -41.10 -19.62 -13.98
CA HIS A 270 -41.44 -18.43 -14.76
C HIS A 270 -41.10 -17.16 -14.04
N ARG A 271 -41.28 -17.16 -12.72
CA ARG A 271 -40.91 -16.01 -11.89
C ARG A 271 -39.40 -15.77 -11.88
N VAL A 272 -38.65 -16.86 -11.68
CA VAL A 272 -37.19 -16.80 -11.66
C VAL A 272 -36.65 -16.31 -13.00
N HIS A 273 -37.07 -16.96 -14.09
CA HIS A 273 -36.61 -16.59 -15.43
C HIS A 273 -36.88 -15.14 -15.75
N SER A 274 -38.08 -14.67 -15.40
CA SER A 274 -38.47 -13.28 -15.67
C SER A 274 -37.58 -12.31 -14.91
N TYR A 275 -37.35 -12.61 -13.63
CA TYR A 275 -36.46 -11.83 -12.76
C TYR A 275 -35.06 -11.72 -13.37
N LEU A 276 -34.55 -12.83 -13.86
CA LEU A 276 -33.19 -12.88 -14.42
C LEU A 276 -33.09 -12.16 -15.74
N GLU A 277 -34.17 -12.19 -16.51
CA GLU A 277 -34.21 -11.53 -17.81
C GLU A 277 -34.35 -10.03 -17.62
N ARG A 278 -35.16 -9.65 -16.63
CA ARG A 278 -35.46 -8.24 -16.35
C ARG A 278 -34.20 -7.52 -15.88
N HIS A 279 -33.47 -8.16 -14.97
CA HIS A 279 -32.28 -7.55 -14.38
C HIS A 279 -31.01 -7.85 -15.11
N GLY A 280 -31.14 -8.36 -16.34
CA GLY A 280 -30.00 -8.49 -17.25
C GLY A 280 -28.93 -9.48 -16.86
N LEU A 281 -29.31 -10.47 -16.05
CA LEU A 281 -28.40 -11.57 -15.70
C LEU A 281 -28.38 -12.61 -16.80
N ILE A 282 -29.52 -12.76 -17.48
CA ILE A 282 -29.61 -13.60 -18.68
C ILE A 282 -30.12 -12.75 -19.84
N ASN A 283 -29.83 -13.19 -21.08
CA ASN A 283 -30.23 -12.47 -22.29
C ASN A 283 -29.84 -10.99 -22.26
N PHE A 284 -28.54 -10.73 -22.11
CA PHE A 284 -28.01 -9.38 -22.21
C PHE A 284 -26.91 -9.34 -23.27
N GLY A 285 -26.69 -8.16 -23.84
CA GLY A 285 -25.64 -7.99 -24.83
C GLY A 285 -26.16 -8.24 -26.24
N ILE A 286 -25.43 -9.08 -26.99
CA ILE A 286 -25.76 -9.35 -28.39
C ILE A 286 -26.05 -10.84 -28.59
N TYR A 287 -27.33 -11.14 -28.75
CA TYR A 287 -27.80 -12.51 -28.89
C TYR A 287 -28.89 -12.60 -29.95
N LYS A 288 -29.01 -13.77 -30.58
CA LYS A 288 -30.06 -14.01 -31.56
C LYS A 288 -31.40 -14.24 -30.88
N ARG A 289 -32.38 -13.42 -31.27
CA ARG A 289 -33.71 -13.48 -30.69
C ARG A 289 -34.51 -14.61 -31.32
N ILE A 290 -35.19 -15.40 -30.49
CA ILE A 290 -36.06 -16.46 -30.97
C ILE A 290 -37.46 -15.89 -31.25
N LYS A 291 -37.96 -15.07 -30.32
CA LYS A 291 -39.26 -14.40 -30.48
C LYS A 291 -39.04 -12.96 -30.96
N PRO A 292 -39.18 -12.71 -32.28
CA PRO A 292 -38.94 -11.36 -32.82
C PRO A 292 -39.68 -10.27 -32.04
N LEU A 293 -39.02 -9.13 -31.87
CA LEU A 293 -39.50 -8.02 -31.02
C LEU A 293 -40.97 -7.66 -31.21
N PRO A 294 -41.70 -7.40 -30.10
CA PRO A 294 -43.09 -6.98 -30.12
C PRO A 294 -43.37 -5.93 -31.20
N THR A 295 -44.47 -6.12 -31.92
CA THR A 295 -44.85 -5.26 -33.05
C THR A 295 -44.94 -3.77 -32.67
N LYS A 296 -45.68 -3.47 -31.61
CA LYS A 296 -45.78 -2.10 -31.09
C LYS A 296 -45.13 -1.95 -29.72
N LYS A 297 -44.54 -0.78 -29.50
CA LYS A 297 -43.75 -0.50 -28.32
C LYS A 297 -44.59 0.13 -27.21
N THR A 298 -44.07 0.05 -25.99
CA THR A 298 -44.73 0.65 -24.83
C THR A 298 -43.76 1.59 -24.12
N GLY A 299 -44.18 2.83 -23.90
CA GLY A 299 -43.35 3.83 -23.24
C GLY A 299 -42.26 4.38 -24.14
N LYS A 300 -41.71 5.53 -23.75
CA LYS A 300 -40.65 6.18 -24.51
C LYS A 300 -39.53 6.66 -23.58
N VAL A 301 -38.31 6.20 -23.84
CA VAL A 301 -37.14 6.58 -23.04
C VAL A 301 -36.08 7.26 -23.88
N ILE A 302 -35.62 8.41 -23.41
CA ILE A 302 -34.47 9.09 -23.99
C ILE A 302 -33.25 8.78 -23.12
N ILE A 303 -32.21 8.25 -23.76
CA ILE A 303 -30.95 7.95 -23.07
C ILE A 303 -29.88 8.94 -23.50
N ILE A 304 -29.41 9.73 -22.54
CA ILE A 304 -28.32 10.67 -22.79
C ILE A 304 -26.97 9.95 -22.75
N GLY A 305 -26.27 10.00 -23.87
CA GLY A 305 -24.96 9.38 -24.01
C GLY A 305 -25.04 7.95 -24.52
N SER A 306 -24.23 7.64 -25.53
CA SER A 306 -24.13 6.27 -26.05
C SER A 306 -22.78 5.64 -25.70
N GLY A 307 -22.34 5.84 -24.47
CA GLY A 307 -21.24 5.07 -23.90
C GLY A 307 -21.71 3.64 -23.67
N VAL A 308 -20.87 2.82 -23.06
CA VAL A 308 -21.24 1.43 -22.82
C VAL A 308 -22.44 1.33 -21.88
N SER A 309 -22.48 2.18 -20.85
CA SER A 309 -23.60 2.17 -19.91
C SER A 309 -24.91 2.52 -20.61
N GLY A 310 -24.88 3.57 -21.43
CA GLY A 310 -26.03 3.97 -22.24
C GLY A 310 -26.49 2.89 -23.20
N LEU A 311 -25.54 2.33 -23.96
CA LEU A 311 -25.84 1.30 -24.95
C LEU A 311 -26.38 0.02 -24.31
N ALA A 312 -25.85 -0.34 -23.15
CA ALA A 312 -26.27 -1.55 -22.47
C ALA A 312 -27.73 -1.47 -22.07
N ALA A 313 -28.14 -0.33 -21.52
CA ALA A 313 -29.53 -0.09 -21.13
C ALA A 313 -30.44 -0.05 -22.35
N ALA A 314 -30.03 0.72 -23.36
CA ALA A 314 -30.75 0.85 -24.62
C ALA A 314 -31.16 -0.51 -25.18
N ARG A 315 -30.21 -1.44 -25.25
CA ARG A 315 -30.48 -2.77 -25.77
C ARG A 315 -31.52 -3.49 -24.94
N GLN A 316 -31.38 -3.39 -23.61
CA GLN A 316 -32.29 -4.04 -22.68
C GLN A 316 -33.70 -3.51 -22.82
N LEU A 317 -33.84 -2.18 -22.81
CA LEU A 317 -35.14 -1.52 -22.89
C LEU A 317 -35.85 -1.86 -24.21
N GLN A 318 -35.11 -1.80 -25.31
CA GLN A 318 -35.61 -2.26 -26.60
C GLN A 318 -36.06 -3.72 -26.53
N SER A 319 -35.26 -4.56 -25.86
CA SER A 319 -35.59 -5.97 -25.65
C SER A 319 -36.89 -6.14 -24.86
N PHE A 320 -37.19 -5.16 -24.02
CA PHE A 320 -38.41 -5.20 -23.22
C PHE A 320 -39.59 -4.59 -23.96
N GLY A 321 -39.32 -4.08 -25.16
CA GLY A 321 -40.35 -3.48 -26.02
C GLY A 321 -40.69 -2.05 -25.65
N MET A 322 -39.65 -1.23 -25.43
CA MET A 322 -39.85 0.19 -25.19
C MET A 322 -39.29 0.98 -26.36
N ASP A 323 -39.74 2.21 -26.52
CA ASP A 323 -39.21 3.08 -27.55
C ASP A 323 -37.98 3.81 -26.99
N VAL A 324 -36.83 3.56 -27.61
CA VAL A 324 -35.56 4.06 -27.09
C VAL A 324 -34.82 4.91 -28.13
N THR A 325 -34.40 6.10 -27.71
CA THR A 325 -33.53 6.94 -28.53
C THR A 325 -32.36 7.45 -27.68
N LEU A 326 -31.15 7.22 -28.18
CA LEU A 326 -29.93 7.69 -27.53
C LEU A 326 -29.45 8.98 -28.17
N LEU A 327 -29.09 9.94 -27.33
CA LEU A 327 -28.54 11.21 -27.80
C LEU A 327 -27.06 11.31 -27.45
N GLU A 328 -26.23 11.20 -28.49
CA GLU A 328 -24.78 11.26 -28.36
C GLU A 328 -24.25 12.60 -28.88
N ALA A 329 -23.38 13.24 -28.09
CA ALA A 329 -22.74 14.49 -28.49
C ALA A 329 -21.65 14.26 -29.54
N ARG A 330 -20.89 13.16 -29.36
CA ARG A 330 -19.80 12.80 -30.27
C ARG A 330 -20.34 12.29 -31.62
N ASP A 331 -19.43 12.22 -32.60
CA ASP A 331 -19.72 11.64 -33.90
C ASP A 331 -19.49 10.12 -33.92
N ARG A 332 -19.44 9.52 -32.74
CA ARG A 332 -19.20 8.09 -32.59
C ARG A 332 -19.79 7.56 -31.28
N VAL A 333 -20.05 6.25 -31.24
CA VAL A 333 -20.46 5.58 -30.02
C VAL A 333 -19.24 5.17 -29.18
N GLY A 334 -19.47 4.75 -27.94
CA GLY A 334 -18.42 4.20 -27.09
C GLY A 334 -17.96 5.11 -25.97
N GLY A 335 -18.00 6.41 -26.21
CA GLY A 335 -17.61 7.39 -25.21
C GLY A 335 -16.17 7.22 -24.80
N ARG A 336 -15.97 6.86 -23.54
CA ARG A 336 -14.62 6.64 -23.00
C ARG A 336 -14.01 5.32 -23.45
N VAL A 337 -14.72 4.59 -24.30
CA VAL A 337 -14.13 3.50 -25.07
C VAL A 337 -13.82 4.08 -26.44
N ALA A 338 -12.62 4.68 -26.53
CA ALA A 338 -12.13 5.26 -27.76
C ALA A 338 -11.01 4.39 -28.31
N THR A 339 -11.01 4.18 -29.63
CA THR A 339 -9.99 3.38 -30.28
C THR A 339 -9.43 4.12 -31.48
N PHE A 340 -8.12 4.36 -31.47
CA PHE A 340 -7.44 4.93 -32.61
C PHE A 340 -7.25 3.86 -33.67
N ARG A 341 -7.61 4.22 -34.91
CA ARG A 341 -7.43 3.33 -36.06
C ARG A 341 -6.89 4.11 -37.23
N LYS A 342 -5.80 3.60 -37.81
CA LYS A 342 -5.21 4.15 -39.02
C LYS A 342 -4.34 3.07 -39.64
N GLY A 343 -4.73 2.63 -40.83
CA GLY A 343 -4.06 1.53 -41.53
C GLY A 343 -4.21 0.23 -40.78
N ASN A 344 -3.09 -0.25 -40.21
CA ASN A 344 -3.07 -1.47 -39.41
C ASN A 344 -2.86 -1.14 -37.94
N TYR A 345 -2.47 0.10 -37.67
CA TYR A 345 -2.29 0.57 -36.30
C TYR A 345 -3.64 0.67 -35.60
N VAL A 346 -3.76 -0.07 -34.49
CA VAL A 346 -4.95 -0.03 -33.65
C VAL A 346 -4.50 0.11 -32.20
N ALA A 347 -4.92 1.19 -31.54
CA ALA A 347 -4.55 1.45 -30.16
C ALA A 347 -5.65 2.19 -29.40
N ASP A 348 -5.99 1.70 -28.22
CA ASP A 348 -7.05 2.30 -27.42
C ASP A 348 -6.57 3.52 -26.65
N LEU A 349 -7.27 4.62 -26.82
CA LEU A 349 -7.01 5.84 -26.07
C LEU A 349 -7.84 5.86 -24.79
N GLY A 350 -8.84 4.98 -24.72
CA GLY A 350 -9.69 4.85 -23.55
C GLY A 350 -9.44 3.53 -22.85
N ALA A 351 -10.52 2.85 -22.48
CA ALA A 351 -10.43 1.53 -21.85
C ALA A 351 -9.66 0.57 -22.75
N MET A 352 -8.86 -0.31 -22.13
CA MET A 352 -7.94 -1.16 -22.85
C MET A 352 -7.89 -2.58 -22.28
N VAL A 353 -8.11 -2.69 -20.97
CA VAL A 353 -7.89 -3.94 -20.25
C VAL A 353 -9.19 -4.55 -19.73
N VAL A 354 -9.40 -5.82 -20.04
CA VAL A 354 -10.42 -6.62 -19.37
C VAL A 354 -9.77 -7.19 -18.11
N THR A 355 -10.25 -6.75 -16.95
CA THR A 355 -9.59 -7.05 -15.68
C THR A 355 -9.93 -8.42 -15.10
N GLY A 356 -9.77 -9.46 -15.92
CA GLY A 356 -10.02 -10.84 -15.48
C GLY A 356 -11.43 -11.30 -15.81
N LEU A 357 -11.54 -12.53 -16.33
CA LEU A 357 -12.82 -13.07 -16.79
C LEU A 357 -13.67 -13.72 -15.69
N GLY A 358 -13.07 -13.96 -14.53
CA GLY A 358 -13.74 -14.65 -13.43
C GLY A 358 -14.84 -13.83 -12.79
N GLY A 359 -16.06 -13.98 -13.30
CA GLY A 359 -17.21 -13.24 -12.80
C GLY A 359 -17.43 -11.93 -13.53
N ASN A 360 -16.73 -11.76 -14.65
CA ASN A 360 -16.81 -10.57 -15.46
C ASN A 360 -17.92 -10.71 -16.50
N PRO A 361 -18.86 -9.75 -16.53
CA PRO A 361 -19.90 -9.77 -17.56
C PRO A 361 -19.31 -9.57 -18.96
N MET A 362 -18.09 -9.03 -19.02
CA MET A 362 -17.39 -8.86 -20.30
C MET A 362 -16.95 -10.20 -20.88
N ALA A 363 -16.87 -11.23 -20.03
CA ALA A 363 -16.58 -12.59 -20.47
C ALA A 363 -17.69 -13.09 -21.38
N VAL A 364 -18.94 -12.78 -21.00
CA VAL A 364 -20.11 -13.13 -21.79
C VAL A 364 -20.11 -12.35 -23.10
N VAL A 365 -19.84 -11.05 -23.01
CA VAL A 365 -19.77 -10.16 -24.16
C VAL A 365 -18.69 -10.63 -25.14
N SER A 366 -17.55 -11.07 -24.61
CA SER A 366 -16.42 -11.51 -25.43
C SER A 366 -16.73 -12.77 -26.24
N LYS A 367 -17.72 -13.54 -25.79
CA LYS A 367 -18.20 -14.69 -26.55
C LYS A 367 -19.20 -14.27 -27.62
N GLN A 368 -19.85 -13.13 -27.40
CA GLN A 368 -20.84 -12.58 -28.33
C GLN A 368 -20.19 -11.73 -29.41
N VAL A 369 -19.09 -11.06 -29.06
CA VAL A 369 -18.38 -10.19 -29.99
C VAL A 369 -17.02 -10.77 -30.30
N ASN A 370 -16.56 -10.58 -31.53
CA ASN A 370 -15.20 -10.96 -31.93
C ASN A 370 -14.16 -10.10 -31.23
N MET A 371 -13.87 -10.45 -29.97
CA MET A 371 -12.84 -9.79 -29.19
C MET A 371 -11.59 -10.66 -29.17
N GLU A 372 -10.49 -10.11 -29.67
CA GLU A 372 -9.21 -10.81 -29.65
C GLU A 372 -8.53 -10.53 -28.32
N LEU A 373 -8.79 -11.37 -27.33
CA LEU A 373 -8.29 -11.17 -25.97
C LEU A 373 -6.93 -11.83 -25.74
N ALA A 374 -5.93 -11.01 -25.44
CA ALA A 374 -4.57 -11.48 -25.20
C ALA A 374 -4.12 -11.15 -23.78
N LYS A 375 -3.63 -12.18 -23.07
CA LYS A 375 -3.19 -12.05 -21.69
C LYS A 375 -2.00 -11.10 -21.54
N ILE A 376 -1.94 -10.40 -20.41
CA ILE A 376 -0.84 -9.49 -20.11
C ILE A 376 0.20 -10.21 -19.25
N LYS A 377 1.44 -10.27 -19.74
CA LYS A 377 2.55 -10.81 -18.97
C LYS A 377 2.93 -9.81 -17.87
N GLN A 378 2.89 -10.29 -16.63
CA GLN A 378 3.02 -9.45 -15.44
C GLN A 378 4.35 -8.69 -15.35
N LYS A 379 5.44 -9.33 -15.76
CA LYS A 379 6.79 -8.80 -15.57
C LYS A 379 7.01 -7.43 -16.22
N CYS A 380 7.45 -6.48 -15.41
CA CYS A 380 7.70 -5.11 -15.86
C CYS A 380 9.07 -4.60 -15.39
N PRO A 381 10.07 -4.63 -16.29
CA PRO A 381 11.40 -4.13 -15.96
C PRO A 381 11.45 -2.60 -15.92
N LEU A 382 11.96 -2.06 -14.83
CA LEU A 382 12.10 -0.61 -14.68
C LEU A 382 13.44 -0.13 -15.23
N TYR A 383 13.48 1.14 -15.63
CA TYR A 383 14.71 1.75 -16.13
C TYR A 383 14.83 3.15 -15.55
N GLU A 384 15.90 3.38 -14.81
CA GLU A 384 16.16 4.67 -14.15
C GLU A 384 16.35 5.81 -15.16
N ALA A 385 16.43 7.03 -14.66
CA ALA A 385 16.60 8.22 -15.49
C ALA A 385 17.77 8.10 -16.45
N ASN A 386 18.86 7.46 -16.01
CA ASN A 386 20.05 7.24 -16.83
C ASN A 386 19.79 6.40 -18.09
N GLY A 387 18.83 5.48 -17.99
CA GLY A 387 18.48 4.58 -19.09
C GLY A 387 18.92 3.15 -18.84
N GLN A 388 19.19 2.81 -17.59
CA GLN A 388 19.65 1.47 -17.23
C GLN A 388 18.76 0.79 -16.21
N ALA A 389 18.57 -0.53 -16.38
CA ALA A 389 17.68 -1.32 -15.55
C ALA A 389 18.04 -1.27 -14.07
N VAL A 390 17.02 -1.33 -13.22
CA VAL A 390 17.22 -1.50 -11.80
C VAL A 390 17.50 -2.98 -11.55
N PRO A 391 18.60 -3.30 -10.85
CA PRO A 391 18.95 -4.68 -10.52
C PRO A 391 17.88 -5.37 -9.66
N LYS A 392 17.64 -6.64 -9.93
CA LYS A 392 16.64 -7.44 -9.20
C LYS A 392 16.75 -7.32 -7.68
N GLU A 393 17.95 -6.97 -7.21
CA GLU A 393 18.20 -6.68 -5.80
C GLU A 393 17.31 -5.54 -5.30
N LYS A 394 17.44 -4.37 -5.92
CA LYS A 394 16.67 -3.19 -5.54
C LYS A 394 15.23 -3.24 -6.04
N ASP A 395 15.05 -3.77 -7.24
CA ASP A 395 13.72 -3.91 -7.86
C ASP A 395 12.79 -4.79 -7.02
N GLU A 396 13.30 -5.35 -5.94
CA GLU A 396 12.50 -6.13 -5.01
C GLU A 396 12.44 -5.46 -3.64
N MET A 397 13.56 -4.85 -3.22
CA MET A 397 13.63 -4.13 -1.96
C MET A 397 12.65 -2.96 -1.93
N VAL A 398 12.51 -2.30 -3.08
CA VAL A 398 11.63 -1.15 -3.22
C VAL A 398 10.16 -1.58 -3.34
N GLU A 399 9.90 -2.53 -4.23
CA GLU A 399 8.54 -3.03 -4.42
C GLU A 399 7.95 -3.61 -3.13
N GLN A 400 8.73 -4.46 -2.45
CA GLN A 400 8.31 -5.05 -1.19
C GLN A 400 8.07 -3.95 -0.15
N GLU A 401 8.87 -2.89 -0.21
CA GLU A 401 8.71 -1.76 0.69
C GLU A 401 7.45 -0.98 0.34
N PHE A 402 7.18 -0.84 -0.95
CA PHE A 402 5.96 -0.21 -1.45
C PHE A 402 4.70 -0.92 -0.92
N ASN A 403 4.66 -2.24 -1.10
CA ASN A 403 3.56 -3.07 -0.60
C ASN A 403 3.42 -2.97 0.92
N ARG A 404 4.56 -2.95 1.60
CA ARG A 404 4.63 -2.79 3.05
C ARG A 404 4.07 -1.44 3.49
N LEU A 405 4.38 -0.41 2.71
CA LEU A 405 3.91 0.95 2.99
C LEU A 405 2.39 1.09 2.83
N LEU A 406 1.82 0.36 1.86
CA LEU A 406 0.38 0.32 1.69
C LEU A 406 -0.31 -0.37 2.88
N GLU A 407 0.11 -1.58 3.20
CA GLU A 407 -0.40 -2.29 4.40
C GLU A 407 -0.34 -1.40 5.63
N ALA A 408 0.74 -0.61 5.72
CA ALA A 408 0.96 0.29 6.85
C ALA A 408 -0.08 1.40 6.92
N THR A 409 -0.47 1.92 5.76
CA THR A 409 -1.52 2.95 5.70
C THR A 409 -2.86 2.33 6.09
N SER A 410 -3.08 1.10 5.64
CA SER A 410 -4.26 0.33 6.01
C SER A 410 -4.34 0.11 7.52
N TYR A 411 -3.20 -0.20 8.13
CA TYR A 411 -3.08 -0.30 9.59
C TYR A 411 -3.37 1.06 10.25
N LEU A 412 -2.81 2.14 9.70
CA LEU A 412 -3.07 3.49 10.18
C LEU A 412 -4.55 3.84 10.18
N SER A 413 -5.26 3.38 9.14
CA SER A 413 -6.68 3.68 8.98
C SER A 413 -7.53 2.86 9.95
N HIS A 414 -7.42 1.54 9.86
CA HIS A 414 -8.33 0.63 10.56
C HIS A 414 -8.02 0.41 12.01
N GLN A 415 -6.72 0.38 12.35
CA GLN A 415 -6.30 0.04 13.71
C GLN A 415 -6.01 1.25 14.60
N LEU A 416 -5.53 2.33 13.99
CA LEU A 416 -5.22 3.55 14.77
C LEU A 416 -6.25 4.66 14.57
N ASP A 417 -7.23 4.41 13.71
CA ASP A 417 -8.30 5.36 13.37
C ASP A 417 -7.78 6.76 12.99
N PHE A 418 -6.72 6.78 12.19
CA PHE A 418 -6.11 8.01 11.71
C PHE A 418 -6.78 8.42 10.40
N ASN A 419 -7.97 8.98 10.50
CA ASN A 419 -8.79 9.29 9.32
C ASN A 419 -9.23 10.74 9.18
N VAL A 420 -9.15 11.50 10.27
CA VAL A 420 -9.42 12.94 10.24
C VAL A 420 -8.24 13.70 10.83
N LEU A 421 -7.78 14.73 10.11
CA LEU A 421 -6.68 15.57 10.60
C LEU A 421 -6.98 17.04 10.33
N ASN A 422 -7.16 17.80 11.42
CA ASN A 422 -7.52 19.23 11.37
C ASN A 422 -8.85 19.45 10.65
N ASN A 423 -9.85 18.62 11.00
CA ASN A 423 -11.17 18.61 10.37
C ASN A 423 -11.20 18.00 8.96
N LYS A 424 -10.09 18.11 8.24
CA LYS A 424 -9.98 17.58 6.89
C LYS A 424 -9.78 16.06 6.91
N PRO A 425 -10.46 15.33 5.99
CA PRO A 425 -10.24 13.89 5.87
C PRO A 425 -8.84 13.55 5.36
N VAL A 426 -8.21 12.55 5.97
CA VAL A 426 -6.86 12.14 5.63
C VAL A 426 -6.86 11.42 4.28
N SER A 427 -5.91 11.80 3.41
CA SER A 427 -5.74 11.13 2.13
C SER A 427 -4.75 9.98 2.22
N LEU A 428 -4.67 9.19 1.16
CA LEU A 428 -3.70 8.11 1.07
C LEU A 428 -2.28 8.67 1.01
N GLY A 429 -2.10 9.75 0.24
CA GLY A 429 -0.83 10.46 0.13
C GLY A 429 -0.32 10.97 1.47
N GLN A 430 -1.18 11.69 2.20
CA GLN A 430 -0.86 12.15 3.55
C GLN A 430 -0.37 11.00 4.43
N ALA A 431 -1.12 9.90 4.40
CA ALA A 431 -0.84 8.73 5.23
C ALA A 431 0.48 8.07 4.85
N LEU A 432 0.73 7.94 3.55
CA LEU A 432 1.98 7.39 3.05
C LEU A 432 3.18 8.22 3.48
N GLU A 433 3.02 9.54 3.46
CA GLU A 433 4.03 10.48 3.90
C GLU A 433 4.33 10.28 5.38
N VAL A 434 3.26 10.22 6.19
CA VAL A 434 3.38 9.99 7.63
C VAL A 434 4.07 8.66 7.93
N VAL A 435 3.71 7.60 7.21
CA VAL A 435 4.32 6.29 7.42
C VAL A 435 5.82 6.33 7.09
N ILE A 436 6.16 6.95 5.96
CA ILE A 436 7.57 7.12 5.56
C ILE A 436 8.38 7.87 6.63
N GLN A 437 7.83 8.99 7.10
CA GLN A 437 8.47 9.79 8.14
C GLN A 437 8.74 8.99 9.41
N LEU A 438 7.77 8.17 9.80
CA LEU A 438 7.93 7.29 10.96
C LEU A 438 8.96 6.18 10.73
N GLN A 439 9.18 5.83 9.47
CA GLN A 439 10.18 4.82 9.12
C GLN A 439 11.57 5.43 9.06
N GLU A 440 11.62 6.73 8.77
CA GLU A 440 12.86 7.48 8.84
C GLU A 440 13.21 7.82 10.29
N LYS A 441 12.18 8.02 11.10
CA LYS A 441 12.33 8.28 12.53
C LYS A 441 12.93 7.06 13.24
N HIS A 442 12.38 5.89 12.94
CA HIS A 442 12.84 4.64 13.53
C HIS A 442 14.28 4.36 13.17
N VAL A 443 14.65 4.60 11.91
CA VAL A 443 16.04 4.46 11.46
C VAL A 443 17.00 5.29 12.32
N LYS A 444 16.61 6.52 12.61
CA LYS A 444 17.41 7.41 13.46
C LYS A 444 17.37 6.99 14.92
N ASP A 445 16.19 6.58 15.40
CA ASP A 445 16.03 6.07 16.77
C ASP A 445 16.94 4.88 17.03
N GLU A 446 17.10 4.02 16.02
CA GLU A 446 17.98 2.85 16.10
C GLU A 446 19.44 3.26 16.24
N GLN A 447 19.88 4.17 15.38
CA GLN A 447 21.24 4.68 15.40
C GLN A 447 21.58 5.32 16.74
N ILE A 448 20.71 6.22 17.20
CA ILE A 448 20.88 6.91 18.47
C ILE A 448 21.17 5.93 19.62
N GLU A 449 20.31 4.92 19.77
CA GLU A 449 20.46 3.96 20.87
C GLU A 449 21.59 2.92 20.66
N HIS A 450 22.11 2.86 19.43
CA HIS A 450 23.27 2.02 19.12
C HIS A 450 24.56 2.70 19.50
N TRP A 451 24.66 3.99 19.15
CA TRP A 451 25.80 4.80 19.56
C TRP A 451 25.72 5.10 21.04
N LYS A 452 24.50 5.07 21.59
CA LYS A 452 24.28 5.21 23.02
C LYS A 452 24.79 3.99 23.79
N LYS A 453 24.79 2.84 23.11
CA LYS A 453 25.39 1.62 23.66
C LYS A 453 26.90 1.74 23.69
N ILE A 454 27.46 2.39 22.67
CA ILE A 454 28.90 2.57 22.57
C ILE A 454 29.46 3.50 23.66
N VAL A 455 28.84 4.67 23.86
CA VAL A 455 29.28 5.61 24.90
C VAL A 455 29.22 5.01 26.30
N LYS A 456 28.23 4.17 26.57
CA LYS A 456 28.08 3.54 27.88
C LYS A 456 29.23 2.56 28.13
N THR A 457 29.64 1.84 27.09
CA THR A 457 30.74 0.88 27.18
C THR A 457 32.10 1.58 27.14
N GLN A 458 32.20 2.62 26.31
CA GLN A 458 33.41 3.44 26.22
C GLN A 458 33.67 4.19 27.53
N GLU A 459 32.59 4.52 28.23
CA GLU A 459 32.69 5.22 29.52
C GLU A 459 32.97 4.26 30.66
N GLU A 460 32.61 3.00 30.49
CA GLU A 460 33.01 1.93 31.39
C GLU A 460 34.51 1.68 31.28
N LEU A 461 35.00 1.74 30.04
CA LEU A 461 36.42 1.58 29.76
C LEU A 461 37.22 2.75 30.35
N LYS A 462 36.67 3.96 30.26
CA LYS A 462 37.29 5.16 30.83
C LYS A 462 37.51 5.02 32.34
N GLU A 463 36.51 4.51 33.05
CA GLU A 463 36.60 4.32 34.49
C GLU A 463 37.54 3.18 34.87
N LEU A 464 37.65 2.19 33.99
CA LEU A 464 38.53 1.05 34.22
C LEU A 464 39.99 1.41 33.99
N LEU A 465 40.25 2.19 32.93
CA LEU A 465 41.59 2.65 32.62
C LEU A 465 42.12 3.62 33.70
N ASN A 466 41.24 4.44 34.25
CA ASN A 466 41.57 5.31 35.38
C ASN A 466 41.98 4.52 36.62
N LYS A 467 41.23 3.46 36.90
CA LYS A 467 41.52 2.57 38.02
C LYS A 467 42.86 1.85 37.77
N MET A 468 43.13 1.53 36.51
CA MET A 468 44.37 0.85 36.13
C MET A 468 45.61 1.74 36.22
N VAL A 469 45.49 2.97 35.74
CA VAL A 469 46.57 3.97 35.84
C VAL A 469 46.91 4.26 37.30
N ASN A 470 45.89 4.35 38.15
CA ASN A 470 46.07 4.60 39.58
C ASN A 470 46.64 3.40 40.32
N LEU A 471 46.43 2.20 39.77
CA LEU A 471 46.96 0.99 40.38
C LEU A 471 48.41 0.74 39.95
N LYS A 472 48.70 0.96 38.68
CA LYS A 472 50.07 0.90 38.16
C LYS A 472 50.93 1.97 38.83
N GLU A 473 50.30 3.03 39.32
CA GLU A 473 50.99 4.07 40.07
C GLU A 473 51.40 3.56 41.44
N LYS A 474 50.48 2.90 42.14
CA LYS A 474 50.74 2.36 43.47
C LYS A 474 51.70 1.16 43.41
N ILE A 475 51.59 0.37 42.35
CA ILE A 475 52.49 -0.77 42.13
C ILE A 475 53.93 -0.29 41.88
N LYS A 476 54.05 0.79 41.10
CA LYS A 476 55.34 1.42 40.82
C LYS A 476 56.03 1.84 42.13
N GLU A 477 55.29 2.52 42.99
CA GLU A 477 55.78 2.99 44.29
C GLU A 477 56.06 1.82 45.24
N LEU A 478 55.19 0.82 45.23
CA LEU A 478 55.26 -0.30 46.16
C LEU A 478 56.43 -1.22 45.84
N HIS A 479 56.78 -1.31 44.55
CA HIS A 479 57.92 -2.10 44.10
C HIS A 479 59.21 -1.47 44.55
N GLN A 480 59.26 -0.14 44.48
CA GLN A 480 60.41 0.63 44.95
C GLN A 480 60.63 0.40 46.45
N GLN A 481 59.55 0.41 47.22
CA GLN A 481 59.60 0.21 48.66
C GLN A 481 60.10 -1.19 49.04
N TYR A 482 59.64 -2.20 48.30
CA TYR A 482 60.09 -3.57 48.48
C TYR A 482 61.56 -3.70 48.13
N LYS A 483 61.95 -3.06 47.03
CA LYS A 483 63.34 -3.05 46.59
C LYS A 483 64.26 -2.51 47.69
N GLU A 484 63.91 -1.33 48.22
CA GLU A 484 64.65 -0.68 49.30
C GLU A 484 64.73 -1.54 50.57
N ALA A 485 63.68 -2.32 50.81
CA ALA A 485 63.65 -3.23 51.96
C ALA A 485 64.53 -4.45 51.74
N SER A 486 64.75 -4.81 50.48
CA SER A 486 65.62 -5.92 50.11
C SER A 486 67.10 -5.53 50.05
N GLU A 487 67.37 -4.23 49.86
CA GLU A 487 68.75 -3.71 49.84
C GLU A 487 69.39 -3.88 51.22
N VAL A 488 68.58 -3.74 52.28
CA VAL A 488 69.02 -4.00 53.65
C VAL A 488 69.43 -5.46 53.76
N LYS A 489 70.73 -5.71 53.59
CA LYS A 489 71.26 -7.08 53.56
C LYS A 489 71.17 -7.73 54.94
N PRO A 490 70.99 -9.07 54.97
CA PRO A 490 71.01 -9.84 56.22
C PRO A 490 72.38 -9.77 56.90
N PRO A 491 72.44 -10.07 58.21
CA PRO A 491 71.33 -10.49 59.06
C PRO A 491 70.49 -9.30 59.56
N ARG A 492 69.18 -9.48 59.53
CA ARG A 492 68.26 -8.41 59.95
C ARG A 492 67.30 -8.87 61.02
N ASP A 493 66.85 -7.94 61.86
CA ASP A 493 65.89 -8.28 62.91
C ASP A 493 64.53 -8.59 62.30
N ILE A 494 63.59 -9.06 63.12
CA ILE A 494 62.35 -9.59 62.59
C ILE A 494 61.44 -8.56 61.92
N THR A 495 61.42 -7.33 62.44
CA THR A 495 60.64 -6.25 61.83
C THR A 495 61.13 -5.92 60.41
N ALA A 496 62.45 -5.91 60.23
CA ALA A 496 63.05 -5.68 58.92
C ALA A 496 62.79 -6.85 57.97
N GLU A 497 62.75 -8.05 58.52
CA GLU A 497 62.41 -9.26 57.75
C GLU A 497 60.93 -9.23 57.38
N PHE A 498 60.11 -8.76 58.32
CA PHE A 498 58.67 -8.62 58.12
C PHE A 498 58.36 -7.63 57.01
N LEU A 499 59.03 -6.48 57.03
CA LEU A 499 58.85 -5.45 56.02
C LEU A 499 59.00 -6.05 54.61
N VAL A 500 60.08 -6.80 54.40
CA VAL A 500 60.32 -7.46 53.10
C VAL A 500 59.15 -8.36 52.72
N LYS A 501 58.78 -9.26 53.65
CA LYS A 501 57.69 -10.20 53.44
C LYS A 501 56.35 -9.50 53.23
N SER A 502 56.06 -8.52 54.09
CA SER A 502 54.82 -7.75 54.01
C SER A 502 54.65 -7.04 52.67
N LYS A 503 55.67 -6.28 52.26
CA LYS A 503 55.64 -5.58 50.98
C LYS A 503 55.58 -6.55 49.80
N HIS A 504 56.12 -7.76 49.99
CA HIS A 504 56.07 -8.79 48.95
C HIS A 504 54.66 -9.27 48.77
N ARG A 505 53.96 -9.44 49.88
CA ARG A 505 52.56 -9.86 49.86
C ARG A 505 51.70 -8.77 49.22
N ASP A 506 51.88 -7.53 49.69
CA ASP A 506 51.14 -6.38 49.20
C ASP A 506 51.31 -6.15 47.70
N LEU A 507 52.50 -6.45 47.18
CA LEU A 507 52.77 -6.22 45.76
C LEU A 507 52.08 -7.25 44.88
N THR A 508 52.15 -8.52 45.26
CA THR A 508 51.49 -9.59 44.50
C THR A 508 49.97 -9.47 44.59
N ALA A 509 49.48 -8.93 45.71
CA ALA A 509 48.05 -8.64 45.88
C ALA A 509 47.55 -7.57 44.92
N LEU A 510 48.32 -6.48 44.79
CA LEU A 510 47.98 -5.41 43.84
C LEU A 510 48.23 -5.85 42.40
N CYS A 511 49.16 -6.77 42.20
CA CYS A 511 49.40 -7.35 40.87
C CYS A 511 48.29 -8.31 40.49
N LYS A 512 47.65 -8.90 41.50
CA LYS A 512 46.49 -9.77 41.29
C LYS A 512 45.31 -8.97 40.75
N GLU A 513 45.08 -7.80 41.34
CA GLU A 513 44.00 -6.89 40.91
C GLU A 513 44.19 -6.38 39.49
N TYR A 514 45.38 -5.86 39.20
CA TYR A 514 45.69 -5.30 37.88
C TYR A 514 45.49 -6.31 36.76
N ASP A 515 45.85 -7.57 37.03
CA ASP A 515 45.66 -8.64 36.05
C ASP A 515 44.18 -8.95 35.81
N GLU A 516 43.38 -8.84 36.87
CA GLU A 516 41.93 -9.03 36.78
C GLU A 516 41.25 -7.81 36.14
N LEU A 517 41.91 -6.66 36.19
CA LEU A 517 41.42 -5.45 35.53
C LEU A 517 41.81 -5.42 34.06
N ALA A 518 42.97 -6.00 33.73
CA ALA A 518 43.40 -6.16 32.35
C ALA A 518 42.57 -7.25 31.67
N GLU A 519 42.04 -8.16 32.49
CA GLU A 519 41.10 -9.18 32.06
C GLU A 519 39.80 -8.53 31.58
N THR A 520 39.24 -7.67 32.43
CA THR A 520 38.00 -6.94 32.12
C THR A 520 38.20 -5.96 30.95
N GLN A 521 39.39 -5.36 30.88
CA GLN A 521 39.73 -4.45 29.77
C GLN A 521 39.61 -5.17 28.43
N GLY A 522 40.09 -6.41 28.36
CA GLY A 522 40.03 -7.22 27.16
C GLY A 522 38.61 -7.56 26.72
N LYS A 523 37.72 -7.75 27.71
CA LYS A 523 36.31 -8.03 27.45
C LYS A 523 35.58 -6.81 26.90
N LEU A 524 35.77 -5.66 27.53
CA LEU A 524 35.15 -4.41 27.11
C LEU A 524 35.72 -3.93 25.77
N GLU A 525 37.01 -4.15 25.56
CA GLU A 525 37.70 -3.67 24.35
C GLU A 525 37.24 -4.39 23.09
N GLU A 526 36.83 -5.65 23.23
CA GLU A 526 36.32 -6.42 22.10
C GLU A 526 34.81 -6.23 21.92
N LYS A 527 34.13 -5.89 23.02
CA LYS A 527 32.71 -5.56 22.98
C LYS A 527 32.46 -4.28 22.19
N LEU A 528 33.46 -3.40 22.16
CA LEU A 528 33.40 -2.17 21.37
C LEU A 528 33.64 -2.42 19.88
N GLN A 529 34.48 -3.41 19.58
CA GLN A 529 34.70 -3.85 18.20
C GLN A 529 33.51 -4.67 17.71
N GLU A 530 32.75 -5.23 18.65
CA GLU A 530 31.50 -5.92 18.37
C GLU A 530 30.46 -4.94 17.86
N LEU A 531 30.16 -3.92 18.65
CA LEU A 531 29.14 -2.93 18.32
C LEU A 531 29.49 -2.08 17.10
N GLU A 532 30.76 -1.72 16.97
CA GLU A 532 31.24 -0.93 15.83
C GLU A 532 31.29 -1.72 14.52
N ALA A 533 31.24 -3.05 14.62
CA ALA A 533 31.29 -3.92 13.45
C ALA A 533 29.93 -3.99 12.75
N ASN A 534 28.86 -4.06 13.53
CA ASN A 534 27.50 -4.11 12.98
C ASN A 534 26.63 -2.92 13.42
N PRO A 535 26.69 -1.81 12.65
CA PRO A 535 25.79 -0.69 12.92
C PRO A 535 24.40 -0.95 12.37
N PRO A 536 23.37 -0.27 12.89
CA PRO A 536 22.05 -0.38 12.26
C PRO A 536 22.02 0.31 10.90
N SER A 537 20.85 0.28 10.25
CA SER A 537 20.67 0.87 8.93
C SER A 537 21.09 2.34 8.89
N ASP A 538 21.83 2.70 7.85
CA ASP A 538 22.33 4.06 7.65
C ASP A 538 21.20 5.04 7.31
N VAL A 539 20.42 4.69 6.27
CA VAL A 539 19.25 5.45 5.85
C VAL A 539 18.07 4.51 5.67
N TYR A 540 16.85 5.06 5.69
CA TYR A 540 15.65 4.29 5.36
C TYR A 540 15.58 4.02 3.86
N LEU A 541 15.66 5.10 3.08
CA LEU A 541 15.71 5.00 1.62
C LEU A 541 16.64 6.08 1.05
N SER A 542 17.48 5.68 0.10
CA SER A 542 18.37 6.61 -0.58
C SER A 542 17.61 7.38 -1.66
N SER A 543 18.30 8.32 -2.31
CA SER A 543 17.73 9.08 -3.43
C SER A 543 17.37 8.18 -4.60
N ARG A 544 18.21 7.18 -4.86
CA ARG A 544 17.96 6.18 -5.89
C ARG A 544 16.74 5.35 -5.51
N ASP A 545 16.66 4.97 -4.23
CA ASP A 545 15.54 4.20 -3.70
C ASP A 545 14.23 4.95 -3.80
N ARG A 546 14.24 6.20 -3.34
CA ARG A 546 13.04 7.05 -3.28
C ARG A 546 12.44 7.32 -4.67
N GLN A 547 13.30 7.35 -5.70
CA GLN A 547 12.85 7.54 -7.08
C GLN A 547 12.15 6.30 -7.64
N ILE A 548 12.67 5.12 -7.31
CA ILE A 548 12.07 3.86 -7.74
C ILE A 548 10.75 3.63 -7.01
N LEU A 549 10.67 4.09 -5.76
CA LEU A 549 9.43 4.06 -4.99
C LEU A 549 8.39 4.99 -5.61
N ASP A 550 8.85 6.13 -6.12
CA ASP A 550 7.98 7.10 -6.79
C ASP A 550 7.36 6.55 -8.06
N TRP A 551 8.03 5.60 -8.70
CA TRP A 551 7.45 4.91 -9.85
C TRP A 551 6.31 4.05 -9.41
N HIS A 552 6.47 3.37 -8.28
CA HIS A 552 5.41 2.54 -7.72
C HIS A 552 4.23 3.35 -7.29
N PHE A 553 4.49 4.55 -6.77
CA PHE A 553 3.43 5.49 -6.42
C PHE A 553 2.72 6.01 -7.67
N ALA A 554 3.49 6.26 -8.73
CA ALA A 554 2.94 6.73 -9.99
C ALA A 554 2.03 5.66 -10.60
N ASN A 555 2.46 4.41 -10.52
CA ASN A 555 1.68 3.29 -11.02
C ASN A 555 0.33 3.18 -10.32
N LEU A 556 0.33 3.46 -9.02
CA LEU A 556 -0.90 3.46 -8.21
C LEU A 556 -1.74 4.68 -8.57
N GLU A 557 -1.07 5.79 -8.86
CA GLU A 557 -1.72 7.01 -9.31
C GLU A 557 -2.32 6.83 -10.70
N PHE A 558 -1.74 5.93 -11.47
CA PHE A 558 -2.24 5.60 -12.79
C PHE A 558 -3.51 4.75 -12.71
N ALA A 559 -3.49 3.74 -11.84
CA ALA A 559 -4.62 2.83 -11.67
C ALA A 559 -5.87 3.56 -11.16
N ASN A 560 -5.64 4.54 -10.29
CA ASN A 560 -6.73 5.33 -9.72
C ASN A 560 -6.93 6.64 -10.48
N ALA A 561 -6.12 6.85 -11.51
CA ALA A 561 -6.13 8.08 -12.33
C ALA A 561 -6.24 9.37 -11.51
N THR A 562 -5.40 9.51 -10.48
CA THR A 562 -5.42 10.68 -9.61
C THR A 562 -4.25 10.69 -8.62
N PRO A 563 -3.71 11.89 -8.33
CA PRO A 563 -2.73 12.10 -7.27
C PRO A 563 -3.15 11.45 -5.96
N LEU A 564 -2.22 10.70 -5.35
CA LEU A 564 -2.50 9.98 -4.12
C LEU A 564 -3.00 10.85 -2.96
N SER A 565 -2.86 12.17 -3.12
CA SER A 565 -3.31 13.11 -2.10
C SER A 565 -4.80 13.41 -2.20
N THR A 566 -5.43 12.95 -3.28
CA THR A 566 -6.86 13.16 -3.49
C THR A 566 -7.69 11.97 -3.02
N LEU A 567 -7.06 10.78 -3.00
CA LEU A 567 -7.74 9.54 -2.62
C LEU A 567 -8.10 9.47 -1.15
N SER A 568 -9.24 8.84 -0.84
CA SER A 568 -9.65 8.61 0.54
C SER A 568 -8.77 7.54 1.16
N LEU A 569 -8.24 7.81 2.36
CA LEU A 569 -7.48 6.79 3.06
C LEU A 569 -8.37 5.60 3.43
N LYS A 570 -9.51 5.89 4.07
CA LYS A 570 -10.41 4.83 4.52
C LYS A 570 -11.03 4.03 3.37
N HIS A 571 -11.32 4.67 2.25
CA HIS A 571 -12.19 4.08 1.22
C HIS A 571 -11.63 3.88 -0.16
N TRP A 572 -10.41 4.35 -0.41
CA TRP A 572 -9.85 4.32 -1.77
C TRP A 572 -9.89 2.96 -2.43
N ASP A 573 -9.90 1.91 -1.62
CA ASP A 573 -9.86 0.54 -2.14
C ASP A 573 -11.09 -0.27 -1.72
N GLN A 574 -12.22 0.41 -1.54
CA GLN A 574 -13.46 -0.22 -1.08
C GLN A 574 -13.99 -1.31 -2.01
N ASP A 575 -13.60 -1.26 -3.28
CA ASP A 575 -14.07 -2.22 -4.27
C ASP A 575 -13.10 -3.38 -4.51
N ASP A 576 -12.18 -3.59 -3.58
CA ASP A 576 -11.17 -4.65 -3.70
C ASP A 576 -11.76 -6.05 -3.61
N ASP A 577 -12.75 -6.22 -2.73
CA ASP A 577 -13.37 -7.52 -2.49
C ASP A 577 -14.12 -8.08 -3.69
N PHE A 578 -14.39 -7.22 -4.67
CA PHE A 578 -15.23 -7.58 -5.80
C PHE A 578 -14.43 -7.77 -7.08
N GLU A 579 -13.11 -7.71 -6.94
CA GLU A 579 -12.15 -7.91 -8.03
C GLU A 579 -12.35 -9.30 -8.66
N PHE A 580 -12.22 -9.36 -9.98
CA PHE A 580 -12.40 -10.63 -10.70
C PHE A 580 -11.16 -11.53 -10.58
N THR A 581 -11.35 -12.82 -10.86
CA THR A 581 -10.24 -13.77 -10.87
C THR A 581 -9.77 -13.99 -12.31
N GLY A 582 -8.50 -14.35 -12.45
CA GLY A 582 -7.91 -14.60 -13.76
C GLY A 582 -6.99 -13.50 -14.22
N SER A 583 -6.21 -13.80 -15.25
CA SER A 583 -5.26 -12.85 -15.82
C SER A 583 -6.00 -11.70 -16.48
N HIS A 584 -5.43 -10.51 -16.36
CA HIS A 584 -5.92 -9.34 -17.09
C HIS A 584 -5.59 -9.49 -18.54
N LEU A 585 -6.48 -9.03 -19.40
CA LEU A 585 -6.32 -9.18 -20.85
C LEU A 585 -6.45 -7.85 -21.56
N THR A 586 -5.94 -7.79 -22.80
CA THR A 586 -6.12 -6.61 -23.63
C THR A 586 -6.95 -6.95 -24.86
N VAL A 587 -7.67 -5.96 -25.37
CA VAL A 587 -8.45 -6.14 -26.59
C VAL A 587 -7.53 -5.81 -27.75
N ARG A 588 -7.08 -6.84 -28.45
CA ARG A 588 -6.04 -6.72 -29.47
C ARG A 588 -6.54 -6.04 -30.74
N ASN A 589 -7.83 -6.20 -31.03
CA ASN A 589 -8.44 -5.59 -32.21
C ASN A 589 -9.16 -4.26 -31.91
N GLY A 590 -8.89 -3.70 -30.73
CA GLY A 590 -9.47 -2.42 -30.33
C GLY A 590 -10.77 -2.60 -29.58
N TYR A 591 -10.91 -1.92 -28.45
CA TYR A 591 -12.07 -2.08 -27.58
C TYR A 591 -13.36 -1.55 -28.21
N SER A 592 -13.23 -0.60 -29.14
CA SER A 592 -14.40 0.00 -29.81
C SER A 592 -15.31 -1.03 -30.47
N CYS A 593 -14.75 -2.19 -30.79
CA CYS A 593 -15.52 -3.28 -31.37
C CYS A 593 -16.73 -3.64 -30.52
N VAL A 594 -16.66 -3.33 -29.22
CA VAL A 594 -17.71 -3.70 -28.26
C VAL A 594 -18.90 -2.74 -28.29
N PRO A 595 -18.66 -1.42 -28.07
CA PRO A 595 -19.78 -0.49 -28.21
C PRO A 595 -20.40 -0.51 -29.61
N VAL A 596 -19.56 -0.52 -30.64
CA VAL A 596 -20.05 -0.57 -32.02
C VAL A 596 -21.00 -1.76 -32.22
N ALA A 597 -20.63 -2.92 -31.68
CA ALA A 597 -21.46 -4.10 -31.77
C ALA A 597 -22.77 -3.96 -30.99
N LEU A 598 -22.72 -3.25 -29.85
CA LEU A 598 -23.92 -3.00 -29.04
C LEU A 598 -24.82 -1.98 -29.72
N ALA A 599 -24.21 -1.03 -30.42
CA ALA A 599 -24.92 0.07 -31.08
C ALA A 599 -25.82 -0.38 -32.24
N GLU A 600 -25.55 -1.58 -32.76
CA GLU A 600 -26.29 -2.11 -33.90
C GLU A 600 -27.78 -2.27 -33.59
N GLY A 601 -28.61 -1.72 -34.47
CA GLY A 601 -30.07 -1.82 -34.35
C GLY A 601 -30.68 -0.88 -33.32
N LEU A 602 -30.02 0.26 -33.08
CA LEU A 602 -30.48 1.21 -32.09
C LEU A 602 -30.60 2.61 -32.66
N ASP A 603 -31.60 3.35 -32.18
CA ASP A 603 -31.83 4.71 -32.66
C ASP A 603 -30.87 5.67 -31.95
N ILE A 604 -29.76 5.99 -32.63
CA ILE A 604 -28.73 6.84 -32.05
C ILE A 604 -28.57 8.15 -32.82
N LYS A 605 -28.87 9.27 -32.16
CA LYS A 605 -28.64 10.59 -32.74
C LYS A 605 -27.23 11.06 -32.38
N LEU A 606 -26.29 10.93 -33.32
CA LEU A 606 -24.93 11.43 -33.11
C LEU A 606 -24.90 12.95 -33.30
N ASN A 607 -23.83 13.58 -32.84
CA ASN A 607 -23.66 15.04 -32.98
C ASN A 607 -24.82 15.84 -32.35
N THR A 608 -25.36 15.29 -31.27
CA THR A 608 -26.53 15.82 -30.60
C THR A 608 -26.20 16.09 -29.13
N ALA A 609 -25.89 17.33 -28.82
CA ALA A 609 -25.46 17.71 -27.48
C ALA A 609 -26.63 18.15 -26.63
N VAL A 610 -27.00 17.32 -25.65
CA VAL A 610 -28.03 17.68 -24.67
C VAL A 610 -27.64 18.97 -23.93
N ARG A 611 -28.58 19.91 -23.87
CA ARG A 611 -28.34 21.21 -23.24
C ARG A 611 -29.18 21.36 -21.98
N GLN A 612 -30.37 20.77 -22.01
CA GLN A 612 -31.31 20.91 -20.90
C GLN A 612 -32.17 19.66 -20.72
N VAL A 613 -32.38 19.28 -19.47
CA VAL A 613 -33.27 18.16 -19.13
C VAL A 613 -34.41 18.66 -18.26
N ARG A 614 -35.62 18.53 -18.79
CA ARG A 614 -36.85 18.94 -18.11
C ARG A 614 -37.66 17.72 -17.75
N TYR A 615 -38.01 17.59 -16.47
CA TYR A 615 -38.74 16.43 -15.98
C TYR A 615 -39.88 16.90 -15.05
N THR A 616 -41.09 16.44 -15.36
CA THR A 616 -42.28 16.81 -14.58
C THR A 616 -43.16 15.59 -14.34
N ALA A 617 -44.16 15.76 -13.47
CA ALA A 617 -45.07 14.68 -13.09
C ALA A 617 -45.74 13.98 -14.28
N SER A 618 -45.89 14.70 -15.39
CA SER A 618 -46.55 14.16 -16.58
C SER A 618 -45.58 13.59 -17.60
N GLY A 619 -44.29 13.92 -17.46
CA GLY A 619 -43.27 13.43 -18.38
C GLY A 619 -42.06 14.34 -18.53
N CYS A 620 -41.26 14.08 -19.56
CA CYS A 620 -39.98 14.75 -19.72
C CYS A 620 -39.78 15.29 -21.12
N GLU A 621 -39.13 16.45 -21.20
CA GLU A 621 -38.56 16.90 -22.46
C GLU A 621 -37.07 17.19 -22.34
N VAL A 622 -36.31 16.69 -23.32
CA VAL A 622 -34.87 16.89 -23.39
C VAL A 622 -34.57 17.81 -24.57
N ILE A 623 -33.90 18.92 -24.29
CA ILE A 623 -33.51 19.88 -25.30
C ILE A 623 -32.03 19.73 -25.66
N ALA A 624 -31.78 19.33 -26.91
CA ALA A 624 -30.42 19.16 -27.42
C ALA A 624 -30.20 20.04 -28.67
N VAL A 625 -28.93 20.23 -29.04
CA VAL A 625 -28.56 20.98 -30.24
C VAL A 625 -27.62 20.18 -31.13
N ASN A 626 -27.46 20.60 -32.38
CA ASN A 626 -26.47 20.02 -33.28
C ASN A 626 -25.09 20.58 -32.98
N THR A 627 -24.11 19.70 -32.80
CA THR A 627 -22.75 20.12 -32.42
C THR A 627 -22.04 20.89 -33.53
N ARG A 628 -22.46 20.65 -34.77
CA ARG A 628 -21.87 21.30 -35.94
C ARG A 628 -22.42 22.72 -36.14
N SER A 629 -23.73 22.88 -36.11
CA SER A 629 -24.36 24.21 -36.08
C SER A 629 -25.25 24.33 -34.83
N THR A 630 -24.71 25.01 -33.81
CA THR A 630 -25.30 24.99 -32.46
C THR A 630 -26.68 25.66 -32.33
N SER A 631 -27.07 26.42 -33.35
CA SER A 631 -28.35 27.13 -33.32
C SER A 631 -29.54 26.24 -33.69
N GLN A 632 -29.25 25.13 -34.38
CA GLN A 632 -30.28 24.16 -34.76
C GLN A 632 -30.69 23.29 -33.55
N THR A 633 -31.91 23.56 -33.05
CA THR A 633 -32.39 22.99 -31.78
C THR A 633 -33.35 21.80 -31.96
N PHE A 634 -33.23 20.83 -31.06
CA PHE A 634 -34.10 19.65 -31.05
C PHE A 634 -34.84 19.50 -29.72
N ILE A 635 -36.06 18.98 -29.78
CA ILE A 635 -36.85 18.71 -28.59
C ILE A 635 -37.26 17.24 -28.58
N TYR A 636 -37.08 16.58 -27.42
CA TYR A 636 -37.41 15.18 -27.28
C TYR A 636 -38.34 14.96 -26.10
N LYS A 637 -39.54 14.48 -26.39
CA LYS A 637 -40.55 14.22 -25.38
C LYS A 637 -40.51 12.74 -25.04
N CYS A 638 -40.50 12.44 -23.73
CA CYS A 638 -40.39 11.05 -23.27
C CYS A 638 -41.01 10.84 -21.89
N ASP A 639 -41.34 9.58 -21.61
CA ASP A 639 -41.80 9.15 -20.27
C ASP A 639 -40.68 9.19 -19.23
N ALA A 640 -39.47 8.85 -19.64
CA ALA A 640 -38.31 8.77 -18.74
C ALA A 640 -37.00 9.16 -19.42
N VAL A 641 -36.10 9.76 -18.64
CA VAL A 641 -34.74 10.07 -19.09
C VAL A 641 -33.71 9.23 -18.32
N LEU A 642 -32.87 8.50 -19.06
CA LEU A 642 -31.70 7.86 -18.45
C LEU A 642 -30.46 8.68 -18.74
N CYS A 643 -29.96 9.35 -17.70
CA CYS A 643 -28.75 10.16 -17.80
C CYS A 643 -27.50 9.31 -17.59
N THR A 644 -26.65 9.23 -18.61
CA THR A 644 -25.36 8.54 -18.46
C THR A 644 -24.18 9.49 -18.67
N LEU A 645 -24.43 10.79 -18.47
CA LEU A 645 -23.38 11.80 -18.51
C LEU A 645 -22.26 11.43 -17.55
N PRO A 646 -20.99 11.58 -17.98
CA PRO A 646 -19.85 11.36 -17.10
C PRO A 646 -19.92 12.27 -15.88
N LEU A 647 -19.30 11.83 -14.79
CA LEU A 647 -19.24 12.62 -13.56
C LEU A 647 -18.52 13.95 -13.80
N GLY A 648 -17.56 13.93 -14.71
CA GLY A 648 -16.85 15.15 -15.12
C GLY A 648 -17.79 16.18 -15.70
N VAL A 649 -18.66 15.71 -16.60
CA VAL A 649 -19.71 16.55 -17.18
C VAL A 649 -20.65 17.08 -16.10
N LEU A 650 -21.19 16.17 -15.28
CA LEU A 650 -22.13 16.56 -14.22
C LEU A 650 -21.53 17.56 -13.25
N LYS A 651 -20.21 17.60 -13.17
CA LYS A 651 -19.48 18.50 -12.27
C LYS A 651 -19.33 19.91 -12.79
N GLN A 652 -19.42 20.08 -14.12
CA GLN A 652 -19.13 21.35 -14.80
C GLN A 652 -19.74 22.57 -14.09
N GLN A 653 -18.93 23.61 -13.95
CA GLN A 653 -19.39 24.88 -13.39
C GLN A 653 -18.78 26.04 -14.17
N PRO A 654 -19.62 26.79 -14.92
CA PRO A 654 -21.07 26.64 -15.07
C PRO A 654 -21.47 25.38 -15.86
N PRO A 655 -22.69 24.85 -15.62
CA PRO A 655 -23.17 23.58 -16.17
C PRO A 655 -23.18 23.53 -17.69
N ALA A 656 -22.86 22.36 -18.25
CA ALA A 656 -23.03 22.11 -19.67
C ALA A 656 -24.44 21.62 -19.95
N VAL A 657 -25.04 21.02 -18.92
CA VAL A 657 -26.41 20.53 -18.98
C VAL A 657 -27.18 21.07 -17.79
N GLN A 658 -28.30 21.73 -18.07
CA GLN A 658 -29.15 22.30 -17.04
C GLN A 658 -30.29 21.34 -16.74
N PHE A 659 -30.59 21.20 -15.45
CA PHE A 659 -31.72 20.37 -15.03
C PHE A 659 -32.88 21.24 -14.55
N VAL A 660 -34.06 20.96 -15.09
CA VAL A 660 -35.27 21.70 -14.73
C VAL A 660 -36.37 20.74 -14.25
N PRO A 661 -36.70 20.77 -12.94
CA PRO A 661 -36.10 21.62 -11.90
C PRO A 661 -34.68 21.17 -11.53
N PRO A 662 -33.92 22.02 -10.80
CA PRO A 662 -32.55 21.64 -10.46
C PRO A 662 -32.50 20.32 -9.70
N LEU A 663 -31.43 19.56 -9.91
CA LEU A 663 -31.18 18.35 -9.13
C LEU A 663 -31.15 18.70 -7.65
N PRO A 664 -31.69 17.80 -6.80
CA PRO A 664 -31.72 18.08 -5.35
C PRO A 664 -30.34 18.14 -4.72
N GLU A 665 -30.26 18.86 -3.60
CA GLU A 665 -29.02 19.03 -2.84
C GLU A 665 -28.26 17.73 -2.53
N TRP A 666 -29.00 16.65 -2.26
CA TRP A 666 -28.37 15.37 -1.96
C TRP A 666 -27.67 14.76 -3.15
N LYS A 667 -28.18 15.05 -4.35
CA LYS A 667 -27.56 14.59 -5.58
C LYS A 667 -26.32 15.43 -5.94
N THR A 668 -26.44 16.75 -5.81
CA THR A 668 -25.36 17.65 -6.23
C THR A 668 -24.17 17.61 -5.27
N SER A 669 -24.45 17.33 -4.00
CA SER A 669 -23.40 17.16 -2.99
C SER A 669 -22.60 15.90 -3.24
N ALA A 670 -23.26 14.84 -3.69
CA ALA A 670 -22.60 13.61 -4.08
C ALA A 670 -21.70 13.87 -5.27
N VAL A 671 -22.17 14.70 -6.20
CA VAL A 671 -21.41 15.05 -7.41
C VAL A 671 -20.13 15.81 -7.05
N GLN A 672 -20.25 16.79 -6.15
CA GLN A 672 -19.12 17.57 -5.72
C GLN A 672 -18.10 16.75 -4.90
N ARG A 673 -18.60 15.92 -4.00
CA ARG A 673 -17.76 15.09 -3.14
C ARG A 673 -16.95 14.06 -3.93
N MET A 674 -17.61 13.34 -4.82
CA MET A 674 -16.95 12.31 -5.61
C MET A 674 -15.77 12.87 -6.40
N GLY A 675 -14.73 12.07 -6.55
CA GLY A 675 -13.58 12.48 -7.34
C GLY A 675 -13.71 12.02 -8.77
N PHE A 676 -13.33 12.88 -9.70
CA PHE A 676 -13.25 12.50 -11.11
C PHE A 676 -11.85 12.77 -11.63
N GLY A 677 -11.09 11.70 -11.80
CA GLY A 677 -9.67 11.80 -12.10
C GLY A 677 -9.32 11.85 -13.56
N ASN A 678 -8.04 11.65 -13.84
CA ASN A 678 -7.47 11.88 -15.15
C ASN A 678 -6.19 11.07 -15.36
N LEU A 679 -6.10 10.43 -16.52
CA LEU A 679 -4.88 9.76 -16.96
C LEU A 679 -4.84 9.79 -18.48
N ASN A 680 -3.66 9.96 -19.05
CA ASN A 680 -3.55 10.10 -20.50
C ASN A 680 -2.61 9.11 -21.19
N LYS A 681 -2.82 8.94 -22.49
CA LYS A 681 -2.08 7.97 -23.28
C LYS A 681 -1.39 8.63 -24.48
N VAL A 682 -0.21 8.13 -24.82
CA VAL A 682 0.52 8.59 -26.01
C VAL A 682 0.77 7.39 -26.91
N VAL A 683 0.18 7.42 -28.09
CA VAL A 683 0.29 6.34 -29.06
C VAL A 683 1.50 6.59 -29.97
N LEU A 684 2.45 5.66 -29.97
CA LEU A 684 3.65 5.76 -30.79
C LEU A 684 3.71 4.61 -31.79
N CYS A 685 3.56 4.95 -33.07
CA CYS A 685 3.54 3.96 -34.14
C CYS A 685 4.85 3.97 -34.93
N PHE A 686 5.54 2.84 -34.90
CA PHE A 686 6.82 2.71 -35.60
C PHE A 686 6.73 1.71 -36.75
N ASP A 687 7.81 1.63 -37.53
CA ASP A 687 7.93 0.68 -38.62
C ASP A 687 8.54 -0.66 -38.19
N ARG A 688 9.19 -0.67 -37.03
CA ARG A 688 9.90 -1.85 -36.53
C ARG A 688 9.95 -1.97 -35.02
N VAL A 689 9.88 -3.20 -34.53
CA VAL A 689 10.02 -3.52 -33.11
C VAL A 689 11.49 -3.39 -32.68
N PHE A 690 11.77 -2.44 -31.78
CA PHE A 690 13.11 -2.28 -31.24
C PHE A 690 13.19 -2.58 -29.74
N TRP A 691 12.09 -3.12 -29.21
CA TRP A 691 11.99 -3.48 -27.79
C TRP A 691 11.93 -4.97 -27.65
N ASP A 692 12.02 -5.45 -26.40
CA ASP A 692 11.87 -6.87 -26.10
C ASP A 692 10.42 -7.29 -26.36
N PRO A 693 10.20 -8.11 -27.40
CA PRO A 693 8.86 -8.52 -27.84
C PRO A 693 8.13 -9.42 -26.84
N SER A 694 8.88 -10.07 -25.96
CA SER A 694 8.27 -10.92 -24.92
C SER A 694 7.96 -10.13 -23.65
N VAL A 695 8.27 -8.83 -23.67
CA VAL A 695 7.97 -7.90 -22.58
C VAL A 695 6.78 -7.03 -22.97
N ASN A 696 5.68 -7.17 -22.23
CA ASN A 696 4.48 -6.39 -22.48
C ASN A 696 4.60 -4.95 -21.99
N LEU A 697 5.02 -4.76 -20.75
CA LEU A 697 5.16 -3.43 -20.18
C LEU A 697 6.51 -3.21 -19.52
N PHE A 698 7.06 -2.02 -19.69
CA PHE A 698 8.31 -1.64 -19.02
C PHE A 698 8.25 -0.22 -18.50
N GLY A 699 8.80 -0.01 -17.31
CA GLY A 699 8.76 1.28 -16.65
C GLY A 699 9.91 2.22 -16.98
N HIS A 700 9.67 3.50 -16.76
CA HIS A 700 10.72 4.52 -16.79
C HIS A 700 10.64 5.31 -15.53
N VAL A 701 11.73 5.30 -14.76
CA VAL A 701 11.77 6.00 -13.47
C VAL A 701 12.06 7.48 -13.68
N GLY A 702 11.18 8.33 -13.16
CA GLY A 702 11.32 9.78 -13.29
C GLY A 702 12.45 10.34 -12.43
N SER A 703 12.75 11.61 -12.62
CA SER A 703 13.81 12.29 -11.88
C SER A 703 13.34 12.80 -10.52
N THR A 704 12.08 13.26 -10.47
CA THR A 704 11.55 13.88 -9.26
C THR A 704 10.21 13.28 -8.87
N THR A 705 9.82 13.51 -7.62
CA THR A 705 8.49 13.18 -7.13
C THR A 705 7.44 13.90 -7.99
N ALA A 706 7.69 15.18 -8.26
CA ALA A 706 6.79 16.02 -9.05
C ALA A 706 6.43 15.45 -10.41
N SER A 707 7.36 14.75 -11.05
CA SER A 707 7.15 14.25 -12.41
C SER A 707 7.16 12.72 -12.49
N ARG A 708 6.78 12.06 -11.40
CA ARG A 708 6.79 10.60 -11.37
C ARG A 708 5.80 10.00 -12.38
N GLY A 709 4.67 10.67 -12.58
CA GLY A 709 3.64 10.23 -13.52
C GLY A 709 4.02 10.38 -14.99
N GLU A 710 4.92 11.33 -15.27
CA GLU A 710 5.28 11.69 -16.64
C GLU A 710 5.96 10.57 -17.43
N LEU A 711 5.19 9.96 -18.33
CA LEU A 711 5.68 8.93 -19.24
C LEU A 711 6.40 7.80 -18.50
N PHE A 712 5.82 7.40 -17.37
CA PHE A 712 6.43 6.44 -16.46
C PHE A 712 6.32 4.99 -16.94
N LEU A 713 5.38 4.72 -17.84
CA LEU A 713 5.13 3.34 -18.29
C LEU A 713 4.93 3.26 -19.80
N PHE A 714 5.30 2.12 -20.38
CA PHE A 714 5.15 1.87 -21.81
C PHE A 714 4.55 0.49 -22.06
N TRP A 715 3.53 0.43 -22.92
CA TRP A 715 2.87 -0.83 -23.25
C TRP A 715 3.25 -1.32 -24.62
N ASN A 716 3.52 -2.62 -24.70
CA ASN A 716 3.71 -3.34 -25.96
C ASN A 716 2.70 -4.48 -25.97
N LEU A 717 1.57 -4.24 -26.62
CA LEU A 717 0.44 -5.17 -26.53
C LEU A 717 -0.10 -5.61 -27.89
N TYR A 718 0.12 -4.77 -28.90
CA TYR A 718 -0.52 -4.96 -30.19
C TYR A 718 0.34 -5.73 -31.19
N LYS A 719 -0.33 -6.30 -32.20
CA LYS A 719 0.32 -7.05 -33.27
C LYS A 719 1.32 -6.17 -34.00
N ALA A 720 0.85 -4.99 -34.43
CA ALA A 720 1.67 -3.99 -35.10
C ALA A 720 2.70 -3.39 -34.13
N PRO A 721 3.78 -2.79 -34.67
CA PRO A 721 4.78 -2.13 -33.83
C PRO A 721 4.28 -0.81 -33.23
N ILE A 722 3.56 -0.91 -32.11
CA ILE A 722 3.07 0.27 -31.39
C ILE A 722 3.54 0.24 -29.95
N LEU A 723 4.09 1.37 -29.49
CA LEU A 723 4.37 1.56 -28.08
C LEU A 723 3.43 2.62 -27.50
N LEU A 724 2.87 2.30 -26.33
CA LEU A 724 1.89 3.17 -25.70
C LEU A 724 2.47 3.76 -24.41
N ALA A 725 2.52 5.08 -24.33
CA ALA A 725 3.12 5.76 -23.20
C ALA A 725 2.08 6.41 -22.29
N LEU A 726 2.17 6.13 -21.00
CA LEU A 726 1.20 6.61 -20.01
C LEU A 726 1.62 7.89 -19.32
N VAL A 727 0.66 8.78 -19.09
CA VAL A 727 0.89 9.98 -18.28
C VAL A 727 -0.07 9.97 -17.10
N ALA A 728 0.47 9.85 -15.90
CA ALA A 728 -0.34 9.64 -14.69
C ALA A 728 -0.16 10.76 -13.66
N GLY A 729 -0.81 10.61 -12.52
CA GLY A 729 -0.66 11.50 -11.38
C GLY A 729 -0.83 12.97 -11.70
N GLU A 730 -0.07 13.81 -10.99
CA GLU A 730 -0.12 15.26 -11.19
C GLU A 730 0.34 15.67 -12.58
N ALA A 731 1.13 14.79 -13.22
CA ALA A 731 1.66 15.07 -14.56
C ALA A 731 0.58 15.11 -15.64
N ALA A 732 -0.42 14.25 -15.50
CA ALA A 732 -1.50 14.12 -16.49
C ALA A 732 -2.15 15.45 -16.83
N GLY A 733 -2.54 16.20 -15.80
CA GLY A 733 -3.19 17.49 -15.95
C GLY A 733 -2.31 18.55 -16.57
N ILE A 734 -1.01 18.46 -16.30
CA ILE A 734 -0.05 19.46 -16.80
C ILE A 734 0.37 19.17 -18.24
N MET A 735 0.56 17.90 -18.57
CA MET A 735 0.99 17.49 -19.90
C MET A 735 -0.03 17.83 -21.00
N GLU A 736 -1.27 18.10 -20.59
CA GLU A 736 -2.34 18.48 -21.53
C GLU A 736 -2.14 19.87 -22.11
N ASN A 737 -1.39 20.71 -21.39
CA ASN A 737 -1.01 22.05 -21.85
C ASN A 737 0.26 22.07 -22.70
N ILE A 738 0.73 20.90 -23.08
CA ILE A 738 1.95 20.77 -23.88
C ILE A 738 1.58 20.12 -25.21
N SER A 739 2.16 20.65 -26.30
CA SER A 739 1.88 20.16 -27.65
C SER A 739 2.39 18.73 -27.86
N ASP A 740 1.80 18.06 -28.86
CA ASP A 740 2.11 16.67 -29.15
C ASP A 740 3.59 16.44 -29.46
N ASP A 741 4.18 17.37 -30.22
CA ASP A 741 5.58 17.27 -30.64
C ASP A 741 6.54 17.20 -29.47
N VAL A 742 6.33 18.07 -28.49
CA VAL A 742 7.14 18.08 -27.26
C VAL A 742 6.93 16.79 -26.47
N ILE A 743 5.68 16.33 -26.40
CA ILE A 743 5.35 15.09 -25.69
C ILE A 743 6.02 13.89 -26.36
N VAL A 744 5.91 13.82 -27.69
CA VAL A 744 6.57 12.76 -28.47
C VAL A 744 8.09 12.88 -28.36
N GLY A 745 8.59 14.12 -28.31
CA GLY A 745 10.01 14.39 -28.11
C GLY A 745 10.54 13.71 -26.87
N ARG A 746 9.92 14.01 -25.74
CA ARG A 746 10.28 13.41 -24.45
C ARG A 746 10.16 11.89 -24.45
N CYS A 747 9.19 11.37 -25.21
CA CYS A 747 8.99 9.93 -25.36
C CYS A 747 10.18 9.25 -26.02
N LEU A 748 10.64 9.85 -27.11
CA LEU A 748 11.78 9.32 -27.87
C LEU A 748 13.06 9.38 -27.04
N ALA A 749 13.28 10.52 -26.37
CA ALA A 749 14.39 10.69 -25.44
C ALA A 749 14.49 9.52 -24.48
N ILE A 750 13.39 9.23 -23.78
CA ILE A 750 13.33 8.14 -22.80
C ILE A 750 13.67 6.79 -23.44
N LEU A 751 13.09 6.53 -24.61
CA LEU A 751 13.29 5.27 -25.32
C LEU A 751 14.72 5.11 -25.84
N LYS A 752 15.35 6.23 -26.22
CA LYS A 752 16.75 6.26 -26.64
C LYS A 752 17.64 5.80 -25.49
N GLY A 753 17.45 6.39 -24.31
CA GLY A 753 18.20 6.04 -23.12
C GLY A 753 18.16 4.56 -22.79
N ILE A 754 17.03 3.92 -23.09
CA ILE A 754 16.82 2.50 -22.73
C ILE A 754 17.34 1.53 -23.81
N PHE A 755 16.99 1.81 -25.07
CA PHE A 755 17.27 0.85 -26.15
C PHE A 755 18.43 1.24 -27.07
N GLY A 756 18.95 2.44 -26.90
CA GLY A 756 20.03 2.94 -27.74
C GLY A 756 19.59 4.11 -28.58
N SER A 757 20.45 5.12 -28.66
CA SER A 757 20.15 6.39 -29.35
C SER A 757 19.95 6.27 -30.87
N SER A 758 20.30 5.13 -31.44
CA SER A 758 20.14 4.91 -32.88
C SER A 758 19.16 3.78 -33.20
N ALA A 759 18.76 3.03 -32.18
CA ALA A 759 17.79 1.94 -32.34
C ALA A 759 16.34 2.45 -32.33
N VAL A 760 16.16 3.70 -31.93
CA VAL A 760 14.83 4.32 -31.83
C VAL A 760 14.59 5.29 -33.00
N PRO A 761 13.83 4.86 -34.02
CA PRO A 761 13.56 5.68 -35.19
C PRO A 761 12.48 6.73 -34.92
N GLN A 762 12.20 7.57 -35.91
CA GLN A 762 11.11 8.54 -35.82
C GLN A 762 9.76 7.84 -35.98
N PRO A 763 8.76 8.24 -35.15
CA PRO A 763 7.44 7.61 -35.20
C PRO A 763 6.64 8.04 -36.44
N LYS A 764 6.03 7.08 -37.11
CA LYS A 764 5.24 7.34 -38.31
C LYS A 764 3.90 8.01 -38.00
N GLU A 765 3.22 7.52 -36.95
CA GLU A 765 1.96 8.09 -36.49
C GLU A 765 1.96 8.30 -34.98
N THR A 766 1.48 9.46 -34.53
CA THR A 766 1.36 9.76 -33.10
C THR A 766 0.01 10.38 -32.72
N VAL A 767 -0.54 9.94 -31.60
CA VAL A 767 -1.76 10.54 -31.01
C VAL A 767 -1.56 10.73 -29.52
N VAL A 768 -2.05 11.86 -29.01
CA VAL A 768 -2.01 12.15 -27.58
C VAL A 768 -3.42 12.44 -27.07
N SER A 769 -3.86 11.67 -26.08
CA SER A 769 -5.18 11.87 -25.47
C SER A 769 -5.18 13.07 -24.52
N ARG A 770 -6.30 13.77 -24.44
CA ARG A 770 -6.50 14.86 -23.47
C ARG A 770 -7.88 14.78 -22.83
N TRP A 771 -8.04 13.85 -21.88
CA TRP A 771 -9.34 13.54 -21.30
C TRP A 771 -9.93 14.60 -20.42
N ARG A 772 -9.10 15.35 -19.71
CA ARG A 772 -9.61 16.43 -18.88
C ARG A 772 -10.13 17.58 -19.76
N ALA A 773 -9.49 17.76 -20.91
CA ALA A 773 -9.87 18.81 -21.86
C ALA A 773 -11.15 18.46 -22.63
N ASP A 774 -11.31 17.17 -22.94
CA ASP A 774 -12.47 16.66 -23.68
C ASP A 774 -13.78 17.11 -23.02
N PRO A 775 -14.58 17.91 -23.74
CA PRO A 775 -15.82 18.46 -23.17
C PRO A 775 -16.91 17.40 -22.89
N TRP A 776 -16.80 16.23 -23.50
CA TRP A 776 -17.77 15.15 -23.31
C TRP A 776 -17.32 14.11 -22.32
N ALA A 777 -16.30 14.46 -21.54
CA ALA A 777 -15.73 13.60 -20.52
C ALA A 777 -15.32 14.43 -19.31
N ARG A 778 -14.47 15.43 -19.55
CA ARG A 778 -13.96 16.32 -18.50
C ARG A 778 -13.14 15.55 -17.45
N GLY A 779 -12.46 14.51 -17.91
CA GLY A 779 -11.70 13.60 -17.06
C GLY A 779 -11.70 12.18 -17.61
N SER A 780 -11.14 11.24 -16.87
CA SER A 780 -11.02 9.86 -17.35
C SER A 780 -12.01 8.91 -16.68
N TYR A 781 -11.99 8.86 -15.36
CA TYR A 781 -12.96 8.08 -14.58
C TYR A 781 -12.93 8.45 -13.11
N SER A 782 -13.99 8.08 -12.39
CA SER A 782 -14.15 8.49 -11.00
C SER A 782 -13.20 7.75 -10.06
N TYR A 783 -12.98 8.37 -8.90
CA TYR A 783 -12.19 7.77 -7.82
C TYR A 783 -12.81 8.17 -6.49
N VAL A 784 -12.54 7.38 -5.45
CA VAL A 784 -13.09 7.68 -4.13
C VAL A 784 -12.25 8.79 -3.48
N ALA A 785 -12.72 10.02 -3.60
CA ALA A 785 -12.02 11.18 -3.07
C ALA A 785 -12.05 11.19 -1.56
N ALA A 786 -11.05 11.83 -0.96
CA ALA A 786 -11.04 12.05 0.48
C ALA A 786 -12.24 12.91 0.85
N GLY A 787 -13.06 12.39 1.75
CA GLY A 787 -14.30 13.06 2.15
C GLY A 787 -15.52 12.43 1.52
N SER A 788 -15.28 11.55 0.55
CA SER A 788 -16.35 10.78 -0.08
C SER A 788 -16.34 9.37 0.51
N SER A 789 -17.19 8.50 -0.02
CA SER A 789 -17.22 7.08 0.33
C SER A 789 -17.96 6.32 -0.77
N GLY A 790 -18.10 5.01 -0.60
CA GLY A 790 -18.80 4.18 -1.58
C GLY A 790 -20.29 4.46 -1.57
N ASN A 791 -20.76 5.09 -0.50
CA ASN A 791 -22.16 5.45 -0.38
C ASN A 791 -22.58 6.53 -1.38
N ASP A 792 -21.65 7.40 -1.76
CA ASP A 792 -21.89 8.44 -2.76
C ASP A 792 -22.25 7.86 -4.12
N TYR A 793 -21.65 6.71 -4.44
CA TYR A 793 -21.96 5.98 -5.66
C TYR A 793 -23.41 5.51 -5.69
N ASP A 794 -23.94 5.14 -4.52
CA ASP A 794 -25.35 4.76 -4.38
C ASP A 794 -26.24 5.97 -4.58
N LEU A 795 -25.92 7.06 -3.88
CA LEU A 795 -26.59 8.33 -4.09
C LEU A 795 -26.66 8.70 -5.57
N MET A 796 -25.55 8.54 -6.29
CA MET A 796 -25.52 8.82 -7.73
C MET A 796 -26.52 7.99 -8.51
N ALA A 797 -26.73 6.75 -8.09
CA ALA A 797 -27.59 5.81 -8.81
C ALA A 797 -29.08 6.05 -8.56
N GLN A 798 -29.41 6.80 -7.50
CA GLN A 798 -30.79 7.06 -7.12
C GLN A 798 -31.55 7.88 -8.15
N PRO A 799 -32.72 7.39 -8.59
CA PRO A 799 -33.55 8.13 -9.54
C PRO A 799 -34.19 9.37 -8.90
N ILE A 800 -34.56 10.34 -9.73
CA ILE A 800 -35.23 11.55 -9.25
C ILE A 800 -36.73 11.52 -9.58
N THR A 801 -37.54 11.85 -8.59
CA THR A 801 -38.99 11.94 -8.74
C THR A 801 -39.43 13.39 -8.65
N PRO A 802 -40.06 13.91 -9.73
CA PRO A 802 -40.53 15.30 -9.75
C PRO A 802 -41.64 15.54 -8.74
N GLY A 803 -41.85 16.79 -8.37
CA GLY A 803 -43.02 17.18 -7.56
C GLY A 803 -44.30 17.03 -8.38
N PRO A 804 -45.46 17.13 -7.72
CA PRO A 804 -46.71 17.03 -8.48
C PRO A 804 -47.00 18.32 -9.25
N SER A 805 -47.65 18.19 -10.41
CA SER A 805 -48.06 19.34 -11.23
C SER A 805 -49.11 20.15 -10.48
N ILE A 806 -50.32 19.59 -10.38
CA ILE A 806 -51.37 20.15 -9.54
C ILE A 806 -51.01 19.85 -8.08
N PRO A 807 -51.03 20.87 -7.20
CA PRO A 807 -50.81 20.59 -5.78
C PRO A 807 -51.90 19.69 -5.20
N GLY A 808 -51.50 18.76 -4.33
CA GLY A 808 -52.43 17.78 -3.76
C GLY A 808 -52.66 16.55 -4.62
N ALA A 809 -51.99 16.49 -5.77
CA ALA A 809 -52.06 15.32 -6.63
C ALA A 809 -51.13 14.23 -6.09
N PRO A 810 -51.47 12.95 -6.36
CA PRO A 810 -50.70 11.82 -5.80
C PRO A 810 -49.22 11.84 -6.18
N GLN A 811 -48.41 11.17 -5.36
CA GLN A 811 -46.97 10.99 -5.57
C GLN A 811 -46.63 10.50 -6.98
N PRO A 812 -45.88 11.32 -7.75
CA PRO A 812 -45.55 10.95 -9.13
C PRO A 812 -44.59 9.76 -9.25
N ILE A 813 -44.57 9.19 -10.45
CA ILE A 813 -43.59 8.20 -10.87
C ILE A 813 -42.19 8.87 -10.94
N PRO A 814 -41.12 8.12 -10.63
CA PRO A 814 -39.77 8.62 -10.90
C PRO A 814 -39.52 8.79 -12.40
N ARG A 815 -38.85 9.89 -12.76
CA ARG A 815 -38.72 10.28 -14.17
C ARG A 815 -37.28 10.30 -14.68
N LEU A 816 -36.34 10.70 -13.80
CA LEU A 816 -34.94 10.87 -14.17
C LEU A 816 -34.04 9.81 -13.50
N PHE A 817 -33.46 8.95 -14.33
CA PHE A 817 -32.64 7.83 -13.86
C PHE A 817 -31.16 8.00 -14.25
N PHE A 818 -30.25 7.47 -13.43
CA PHE A 818 -28.82 7.63 -13.66
C PHE A 818 -28.06 6.30 -13.78
N ALA A 819 -27.34 6.14 -14.88
CA ALA A 819 -26.43 5.01 -15.04
C ALA A 819 -25.02 5.53 -15.37
N GLY A 820 -24.08 4.61 -15.49
CA GLY A 820 -22.71 4.98 -15.79
C GLY A 820 -21.72 4.60 -14.72
N GLU A 821 -20.48 4.43 -15.17
CA GLU A 821 -19.29 4.18 -14.36
C GLU A 821 -19.33 4.70 -12.91
N HIS A 822 -19.73 5.95 -12.75
CA HIS A 822 -19.77 6.62 -11.44
C HIS A 822 -21.00 6.31 -10.62
N THR A 823 -21.79 5.32 -11.03
CA THR A 823 -23.04 4.99 -10.32
C THR A 823 -23.05 3.60 -9.69
N ILE A 824 -22.07 2.77 -10.05
CA ILE A 824 -22.00 1.39 -9.56
C ILE A 824 -20.91 1.22 -8.47
N ARG A 825 -21.36 1.19 -7.22
CA ARG A 825 -20.50 1.13 -6.02
C ARG A 825 -19.42 0.05 -6.06
N ASN A 826 -19.78 -1.16 -6.45
CA ASN A 826 -18.87 -2.30 -6.40
C ASN A 826 -17.95 -2.48 -7.62
N TYR A 827 -18.24 -1.76 -8.69
CA TYR A 827 -17.42 -1.86 -9.92
C TYR A 827 -17.18 -0.52 -10.60
N PRO A 828 -16.85 0.54 -9.82
CA PRO A 828 -16.71 1.86 -10.42
C PRO A 828 -15.50 1.95 -11.34
N ALA A 829 -15.47 3.02 -12.13
CA ALA A 829 -14.35 3.35 -13.00
C ALA A 829 -13.95 2.26 -14.00
N THR A 830 -14.89 1.41 -14.39
CA THR A 830 -14.61 0.31 -15.32
C THR A 830 -15.64 0.21 -16.45
N VAL A 831 -15.36 -0.62 -17.45
CA VAL A 831 -16.32 -0.92 -18.51
C VAL A 831 -17.42 -1.82 -17.98
N HIS A 832 -17.04 -2.93 -17.37
CA HIS A 832 -18.02 -3.87 -16.81
C HIS A 832 -18.92 -3.20 -15.81
N GLY A 833 -18.39 -2.22 -15.10
CA GLY A 833 -19.18 -1.43 -14.17
C GLY A 833 -20.23 -0.61 -14.89
N ALA A 834 -19.81 0.06 -15.96
CA ALA A 834 -20.72 0.86 -16.78
C ALA A 834 -21.81 -0.04 -17.37
N LEU A 835 -21.38 -1.08 -18.09
CA LEU A 835 -22.25 -2.12 -18.63
C LEU A 835 -23.30 -2.55 -17.61
N LEU A 836 -22.85 -2.92 -16.42
CA LEU A 836 -23.75 -3.42 -15.38
C LEU A 836 -24.74 -2.36 -14.89
N SER A 837 -24.31 -1.10 -14.82
CA SER A 837 -25.18 -0.01 -14.35
C SER A 837 -26.28 0.25 -15.36
N GLY A 838 -25.93 0.14 -16.64
CA GLY A 838 -26.91 0.18 -17.72
C GLY A 838 -27.96 -0.89 -17.51
N LEU A 839 -27.52 -2.15 -17.43
CA LEU A 839 -28.42 -3.29 -17.19
C LEU A 839 -29.32 -3.02 -15.99
N ARG A 840 -28.72 -2.49 -14.92
CA ARG A 840 -29.46 -2.16 -13.70
C ARG A 840 -30.63 -1.24 -13.98
N GLU A 841 -30.35 -0.08 -14.57
CA GLU A 841 -31.36 0.95 -14.82
C GLU A 841 -32.45 0.47 -15.77
N ALA A 842 -32.06 -0.20 -16.85
CA ALA A 842 -33.03 -0.78 -17.79
C ALA A 842 -34.03 -1.65 -17.07
N GLY A 843 -33.54 -2.45 -16.12
CA GLY A 843 -34.41 -3.27 -15.30
C GLY A 843 -35.32 -2.45 -14.41
N ARG A 844 -34.76 -1.40 -13.82
CA ARG A 844 -35.53 -0.54 -12.91
C ARG A 844 -36.60 0.26 -13.67
N ILE A 845 -36.23 0.76 -14.85
CA ILE A 845 -37.14 1.54 -15.69
C ILE A 845 -38.28 0.63 -16.20
N ALA A 846 -37.93 -0.55 -16.69
CA ALA A 846 -38.93 -1.50 -17.17
C ALA A 846 -39.90 -1.91 -16.08
N ASP A 847 -39.38 -2.11 -14.86
CA ASP A 847 -40.23 -2.39 -13.70
C ASP A 847 -41.22 -1.27 -13.46
N GLN A 848 -40.78 -0.04 -13.68
CA GLN A 848 -41.55 1.15 -13.40
C GLN A 848 -42.65 1.39 -14.44
N PHE A 849 -42.32 1.19 -15.72
CA PHE A 849 -43.19 1.59 -16.81
C PHE A 849 -43.87 0.44 -17.55
N LEU A 850 -43.38 -0.79 -17.32
CA LEU A 850 -44.03 -1.98 -17.88
C LEU A 850 -44.60 -2.88 -16.79
N GLY A 851 -44.28 -2.55 -15.54
CA GLY A 851 -44.77 -3.31 -14.39
C GLY A 851 -44.06 -4.64 -14.20
N ALA A 852 -43.79 -4.98 -12.94
CA ALA A 852 -43.15 -6.25 -12.59
C ALA A 852 -44.20 -7.33 -12.36
N MET A 853 -44.34 -8.22 -13.35
CA MET A 853 -45.35 -9.29 -13.28
C MET A 853 -44.85 -10.48 -12.45
N TYR A 854 -43.54 -10.52 -12.20
CA TYR A 854 -42.87 -11.64 -11.54
C TYR A 854 -42.84 -11.58 -10.00
N THR A 855 -43.27 -10.46 -9.44
CA THR A 855 -43.23 -10.26 -7.98
C THR A 855 -44.39 -10.92 -7.23
N LEU A 856 -45.42 -11.36 -7.98
CA LEU A 856 -46.58 -12.06 -7.42
C LEU A 856 -46.22 -13.49 -7.00
N ARG B 308 -4.41 -6.39 13.56
CA ARG B 308 -4.04 -6.44 15.01
C ARG B 308 -2.68 -5.78 15.28
N LYS B 309 -1.71 -6.06 14.41
CA LYS B 309 -0.36 -5.52 14.55
C LYS B 309 0.20 -5.06 13.19
N PRO B 310 1.11 -4.06 13.21
CA PRO B 310 1.70 -3.51 11.97
C PRO B 310 2.46 -4.56 11.17
N PRO B 311 2.76 -4.27 9.88
CA PRO B 311 3.59 -5.17 9.09
C PRO B 311 4.99 -5.33 9.70
N LYS B 312 5.68 -6.41 9.33
CA LYS B 312 7.04 -6.65 9.83
C LYS B 312 8.04 -5.69 9.20
N GLY B 313 8.86 -5.08 10.05
CA GLY B 313 9.83 -4.07 9.63
C GLY B 313 9.19 -2.70 9.45
N MET B 314 7.99 -2.53 10.01
CA MET B 314 7.25 -1.29 9.95
C MET B 314 6.96 -0.86 11.38
N PHE B 315 7.15 0.42 11.67
CA PHE B 315 7.00 0.91 13.04
C PHE B 315 6.05 2.09 13.12
N LEU B 316 4.93 1.88 13.83
CA LEU B 316 3.84 2.83 13.87
C LEU B 316 3.11 2.71 15.21
N SER B 317 3.38 3.62 16.13
CA SER B 317 2.67 3.65 17.40
C SER B 317 1.75 4.86 17.45
N GLN B 318 0.63 4.72 18.15
CA GLN B 318 -0.33 5.81 18.34
C GLN B 318 0.37 7.10 18.77
N GLU B 319 1.31 6.95 19.71
CA GLU B 319 2.09 8.05 20.24
C GLU B 319 2.92 8.78 19.16
N ASP B 320 3.57 7.99 18.30
CA ASP B 320 4.44 8.53 17.25
C ASP B 320 3.67 9.25 16.15
N VAL B 321 2.53 8.68 15.77
CA VAL B 321 1.68 9.26 14.74
C VAL B 321 1.24 10.67 15.13
N GLU B 322 0.75 10.80 16.37
CA GLU B 322 0.28 12.07 16.91
C GLU B 322 1.38 13.14 16.95
N ALA B 323 2.62 12.69 17.18
CA ALA B 323 3.77 13.58 17.29
C ALA B 323 4.24 14.13 15.94
N VAL B 324 4.11 13.31 14.90
CA VAL B 324 4.58 13.67 13.57
C VAL B 324 3.49 14.39 12.77
N SER B 325 2.26 14.37 13.29
CA SER B 325 1.13 15.02 12.65
C SER B 325 0.59 16.21 13.45
N ALA B 326 1.36 16.66 14.44
CA ALA B 326 0.95 17.76 15.32
C ALA B 326 0.79 19.11 14.61
N ASN B 327 1.59 19.32 13.57
CA ASN B 327 1.47 20.52 12.72
C ASN B 327 2.06 20.33 11.31
N ALA B 328 2.21 21.43 10.58
CA ALA B 328 2.68 21.41 9.19
C ALA B 328 4.09 20.85 9.02
N THR B 329 4.98 21.19 9.96
CA THR B 329 6.38 20.76 9.90
C THR B 329 6.87 20.12 11.22
N ALA B 330 5.95 19.51 11.97
CA ALA B 330 6.30 18.72 13.15
C ALA B 330 7.08 17.47 12.74
N ALA B 331 6.88 17.07 11.48
CA ALA B 331 7.63 15.96 10.89
C ALA B 331 9.11 16.31 10.76
N THR B 332 9.40 17.48 10.17
CA THR B 332 10.78 17.93 9.96
C THR B 332 11.47 18.28 11.28
N THR B 333 10.68 18.78 12.23
CA THR B 333 11.18 19.14 13.56
C THR B 333 11.70 17.92 14.32
N VAL B 334 10.85 16.90 14.47
CA VAL B 334 11.20 15.66 15.17
C VAL B 334 12.42 14.97 14.53
N LEU B 335 12.46 14.92 13.20
CA LEU B 335 13.58 14.32 12.48
C LEU B 335 14.90 15.10 12.60
N ARG B 336 14.80 16.40 12.85
CA ARG B 336 15.98 17.25 13.07
C ARG B 336 16.52 17.16 14.49
N GLN B 337 15.62 17.09 15.48
CA GLN B 337 16.02 16.91 16.87
C GLN B 337 16.79 15.61 17.08
N LEU B 338 16.48 14.59 16.28
CA LEU B 338 17.20 13.33 16.31
C LEU B 338 18.46 13.39 15.44
N ASP B 339 18.43 14.23 14.40
CA ASP B 339 19.60 14.48 13.55
C ASP B 339 20.71 15.17 14.33
N MET B 340 20.32 16.11 15.18
CA MET B 340 21.27 16.80 16.05
C MET B 340 21.68 15.94 17.24
N GLU B 341 20.74 15.17 17.78
CA GLU B 341 21.03 14.22 18.85
C GLU B 341 22.07 13.18 18.45
N LEU B 342 22.04 12.79 17.18
CA LEU B 342 22.98 11.82 16.63
C LEU B 342 24.38 12.41 16.51
N VAL B 343 24.46 13.61 15.94
CA VAL B 343 25.73 14.34 15.80
C VAL B 343 26.36 14.60 17.17
N SER B 344 25.52 14.99 18.12
CA SER B 344 25.93 15.23 19.51
C SER B 344 26.58 13.99 20.13
N VAL B 345 25.91 12.85 20.01
CA VAL B 345 26.41 11.58 20.58
C VAL B 345 27.62 11.05 19.81
N LYS B 346 27.69 11.38 18.52
CA LYS B 346 28.78 10.91 17.67
C LYS B 346 30.11 11.57 18.03
N ARG B 347 30.08 12.88 18.28
CA ARG B 347 31.28 13.63 18.68
C ARG B 347 31.64 13.38 20.16
N GLN B 348 30.64 12.97 20.94
CA GLN B 348 30.86 12.55 22.32
C GLN B 348 31.64 11.24 22.35
N ILE B 349 31.41 10.38 21.35
CA ILE B 349 32.12 9.12 21.22
C ILE B 349 33.61 9.35 20.93
N GLN B 350 33.91 10.16 19.92
CA GLN B 350 35.29 10.45 19.55
C GLN B 350 36.07 11.12 20.67
N ASN B 351 35.36 11.90 21.50
CA ASN B 351 35.93 12.56 22.64
C ASN B 351 36.45 11.59 23.70
N ILE B 352 35.59 10.64 24.08
CA ILE B 352 35.95 9.62 25.08
C ILE B 352 36.87 8.56 24.45
N LYS B 353 36.81 8.43 23.13
CA LYS B 353 37.73 7.58 22.38
C LYS B 353 39.14 8.17 22.44
N GLN B 354 39.22 9.50 22.33
CA GLN B 354 40.47 10.24 22.42
C GLN B 354 41.03 10.18 23.85
N THR B 355 40.16 10.40 24.83
CA THR B 355 40.51 10.31 26.25
C THR B 355 41.07 8.93 26.63
N ASN B 356 40.39 7.88 26.16
CA ASN B 356 40.84 6.51 26.43
C ASN B 356 42.12 6.12 25.70
N SER B 357 42.34 6.73 24.54
CA SER B 357 43.56 6.49 23.77
C SER B 357 44.80 7.00 24.52
N ALA B 358 44.66 8.16 25.17
CA ALA B 358 45.73 8.74 25.98
C ALA B 358 45.98 7.93 27.25
N LEU B 359 44.89 7.51 27.91
CA LEU B 359 44.98 6.69 29.12
C LEU B 359 45.61 5.33 28.87
N LYS B 360 45.41 4.80 27.67
CA LYS B 360 46.01 3.52 27.26
C LYS B 360 47.52 3.64 27.07
N GLU B 361 47.96 4.80 26.57
CA GLU B 361 49.37 5.04 26.31
C GLU B 361 50.16 5.21 27.62
N LYS B 362 49.51 5.74 28.64
CA LYS B 362 50.11 5.89 29.97
C LYS B 362 50.23 4.55 30.70
N LEU B 363 49.50 3.55 30.22
CA LEU B 363 49.58 2.19 30.76
C LEU B 363 50.54 1.31 29.97
N ASP B 364 51.30 1.93 29.06
CA ASP B 364 52.18 1.17 28.16
C ASP B 364 53.29 0.44 28.92
N GLY B 365 53.49 -0.82 28.56
CA GLY B 365 54.47 -1.69 29.22
C GLY B 365 53.83 -2.60 30.25
N GLY B 366 52.63 -2.23 30.70
CA GLY B 366 51.92 -2.96 31.74
C GLY B 366 52.60 -2.83 33.09
N ILE B 367 52.52 -3.88 33.90
CA ILE B 367 53.20 -3.91 35.19
C ILE B 367 54.32 -4.97 35.18
N GLU B 368 55.00 -5.10 34.04
CA GLU B 368 56.02 -6.14 33.87
C GLU B 368 57.31 -5.92 34.70
N PRO B 369 57.88 -4.70 34.67
CA PRO B 369 59.09 -4.48 35.47
C PRO B 369 58.82 -4.38 36.97
N TYR B 370 57.62 -4.79 37.38
CA TYR B 370 57.21 -4.66 38.78
C TYR B 370 56.70 -6.00 39.35
N ARG B 371 56.73 -7.03 38.53
CA ARG B 371 56.34 -8.38 38.95
C ARG B 371 57.47 -9.09 39.67
N LEU B 372 57.12 -9.74 40.78
CA LEU B 372 58.08 -10.51 41.56
C LEU B 372 57.92 -12.00 41.23
N PRO B 373 59.06 -12.70 41.04
CA PRO B 373 59.02 -14.15 40.80
C PRO B 373 58.26 -14.92 41.89
N GLU B 374 57.75 -16.08 41.53
CA GLU B 374 56.91 -16.89 42.41
C GLU B 374 57.73 -17.62 43.49
N VAL B 375 57.39 -17.33 44.75
CA VAL B 375 58.00 -18.03 45.89
C VAL B 375 57.27 -19.36 46.10
N ILE B 376 57.97 -20.46 45.83
CA ILE B 376 57.38 -21.81 45.93
C ILE B 376 57.95 -22.56 47.13
N GLN B 377 57.26 -22.48 48.27
CA GLN B 377 57.69 -23.17 49.48
C GLN B 377 56.60 -24.09 50.04
N LYS B 378 57.03 -25.23 50.57
CA LYS B 378 56.12 -26.24 51.09
C LYS B 378 55.65 -25.90 52.50
N CYS B 379 54.38 -26.21 52.77
CA CYS B 379 53.74 -25.88 54.04
C CYS B 379 54.25 -26.73 55.20
N ASN B 380 54.70 -26.07 56.26
CA ASN B 380 55.27 -26.73 57.44
C ASN B 380 54.35 -26.64 58.65
N ALA B 381 54.48 -27.61 59.55
CA ALA B 381 53.62 -27.69 60.75
C ALA B 381 54.19 -26.95 61.94
N ARG B 382 55.51 -27.05 62.16
CA ARG B 382 56.17 -26.44 63.31
C ARG B 382 56.34 -24.93 63.15
N TRP B 383 56.24 -24.22 64.28
CA TRP B 383 56.45 -22.78 64.33
C TRP B 383 57.81 -22.45 64.83
N THR B 384 58.66 -21.91 63.95
CA THR B 384 59.90 -21.31 64.39
C THR B 384 59.56 -20.01 65.08
N THR B 385 60.35 -19.65 66.09
CA THR B 385 60.19 -18.38 66.81
C THR B 385 60.04 -17.24 65.80
N GLU B 386 60.84 -17.30 64.73
CA GLU B 386 60.77 -16.35 63.62
C GLU B 386 59.34 -16.21 63.09
N GLU B 387 58.73 -17.35 62.75
CA GLU B 387 57.39 -17.38 62.17
C GLU B 387 56.32 -16.86 63.12
N GLN B 388 56.45 -17.18 64.40
CA GLN B 388 55.56 -16.64 65.43
C GLN B 388 55.62 -15.11 65.47
N LEU B 389 56.84 -14.58 65.38
CA LEU B 389 57.08 -13.14 65.42
C LEU B 389 56.54 -12.44 64.16
N LEU B 390 56.70 -13.09 63.02
CA LEU B 390 56.12 -12.59 61.77
C LEU B 390 54.60 -12.52 61.91
N ALA B 391 54.02 -13.58 62.47
CA ALA B 391 52.58 -13.68 62.67
C ALA B 391 52.02 -12.53 63.50
N VAL B 392 52.62 -12.30 64.68
CA VAL B 392 52.20 -11.21 65.56
C VAL B 392 52.19 -9.86 64.84
N GLN B 393 53.20 -9.62 64.00
CA GLN B 393 53.28 -8.39 63.23
C GLN B 393 52.23 -8.36 62.12
N ALA B 394 51.99 -9.52 61.51
CA ALA B 394 50.99 -9.67 60.46
C ALA B 394 49.57 -9.42 60.99
N ILE B 395 49.31 -9.86 62.21
CA ILE B 395 48.03 -9.59 62.88
C ILE B 395 47.90 -8.08 63.11
N ARG B 396 48.99 -7.46 63.55
CA ARG B 396 49.02 -6.01 63.80
C ARG B 396 48.73 -5.18 62.55
N LYS B 397 49.07 -5.73 61.39
CA LYS B 397 48.92 -5.00 60.13
C LYS B 397 47.66 -5.39 59.35
N TYR B 398 47.19 -6.62 59.54
CA TYR B 398 46.08 -7.15 58.71
C TYR B 398 44.82 -7.56 59.47
N GLY B 399 44.94 -7.75 60.78
CA GLY B 399 43.81 -8.13 61.62
C GLY B 399 43.37 -9.57 61.47
N ARG B 400 42.25 -9.77 60.76
CA ARG B 400 41.66 -11.09 60.61
C ARG B 400 41.78 -11.66 59.20
N ASP B 401 42.48 -10.94 58.32
CA ASP B 401 42.74 -11.41 56.97
C ASP B 401 43.73 -12.57 57.02
N PHE B 402 43.22 -13.77 57.32
CA PHE B 402 44.02 -14.97 57.50
C PHE B 402 44.80 -15.34 56.24
N GLN B 403 44.26 -14.97 55.08
CA GLN B 403 44.91 -15.21 53.80
C GLN B 403 46.17 -14.36 53.63
N ALA B 404 46.07 -13.09 54.02
CA ALA B 404 47.21 -12.18 53.98
C ALA B 404 48.31 -12.64 54.92
N ILE B 405 47.93 -12.92 56.17
CA ILE B 405 48.85 -13.41 57.21
C ILE B 405 49.58 -14.68 56.77
N SER B 406 48.83 -15.61 56.18
CA SER B 406 49.40 -16.84 55.63
C SER B 406 50.45 -16.56 54.55
N ASP B 407 50.17 -15.57 53.71
CA ASP B 407 51.07 -15.21 52.61
C ASP B 407 52.35 -14.54 53.11
N VAL B 408 52.23 -13.75 54.17
CA VAL B 408 53.36 -13.08 54.80
C VAL B 408 54.32 -14.10 55.41
N ILE B 409 53.78 -15.00 56.23
CA ILE B 409 54.58 -16.06 56.87
C ILE B 409 55.19 -16.98 55.81
N GLY B 410 54.38 -17.39 54.84
CA GLY B 410 54.89 -18.12 53.67
C GLY B 410 54.65 -19.62 53.70
N ASN B 411 54.94 -20.26 54.83
CA ASN B 411 54.82 -21.71 54.93
C ASN B 411 53.79 -22.18 55.96
N LYS B 412 52.75 -21.38 56.16
CA LYS B 412 51.64 -21.76 57.03
C LYS B 412 50.31 -21.66 56.29
N SER B 413 49.50 -22.72 56.38
CA SER B 413 48.19 -22.74 55.75
C SER B 413 47.19 -21.86 56.50
N VAL B 414 46.14 -21.46 55.81
CA VAL B 414 45.11 -20.55 56.34
C VAL B 414 44.49 -21.05 57.64
N VAL B 415 44.38 -22.37 57.77
CA VAL B 415 43.82 -22.99 58.98
C VAL B 415 44.82 -22.94 60.15
N GLN B 416 46.09 -23.22 59.86
CA GLN B 416 47.15 -23.13 60.86
C GLN B 416 47.23 -21.72 61.45
N VAL B 417 46.99 -20.73 60.59
CA VAL B 417 46.91 -19.33 61.00
C VAL B 417 45.78 -19.12 62.01
N LYS B 418 44.61 -19.69 61.72
CA LYS B 418 43.46 -19.60 62.62
C LYS B 418 43.70 -20.36 63.92
N ASN B 419 44.42 -21.47 63.83
CA ASN B 419 44.83 -22.24 65.01
C ASN B 419 45.76 -21.43 65.91
N PHE B 420 46.71 -20.75 65.28
CA PHE B 420 47.65 -19.86 65.96
C PHE B 420 46.93 -18.84 66.85
N PHE B 421 45.81 -18.32 66.34
CA PHE B 421 44.99 -17.33 67.05
C PHE B 421 44.47 -17.83 68.38
N VAL B 422 44.22 -19.13 68.48
CA VAL B 422 43.65 -19.73 69.68
C VAL B 422 44.74 -20.29 70.60
N ASN B 423 45.76 -20.91 70.01
CA ASN B 423 46.86 -21.50 70.76
C ASN B 423 47.69 -20.47 71.52
N TYR B 424 48.19 -19.47 70.79
CA TYR B 424 49.08 -18.45 71.37
C TYR B 424 48.30 -17.20 71.73
N ARG B 425 47.02 -17.37 72.05
CA ARG B 425 46.08 -16.28 72.31
C ARG B 425 46.49 -15.40 73.49
N ARG B 426 46.76 -16.04 74.63
CA ARG B 426 47.12 -15.31 75.84
C ARG B 426 48.58 -14.87 75.83
N ARG B 427 49.44 -15.75 75.32
CA ARG B 427 50.89 -15.52 75.33
C ARG B 427 51.34 -14.40 74.40
N PHE B 428 50.57 -14.16 73.34
CA PHE B 428 50.87 -13.06 72.41
C PHE B 428 49.81 -11.95 72.44
N ASN B 429 49.11 -11.83 73.56
CA ASN B 429 48.06 -10.82 73.77
C ASN B 429 47.32 -10.43 72.49
N ILE B 430 46.87 -11.44 71.73
CA ILE B 430 46.27 -11.23 70.41
C ILE B 430 45.00 -10.38 70.47
N ASP B 431 44.31 -10.42 71.61
CA ASP B 431 43.17 -9.54 71.86
C ASP B 431 43.58 -8.07 71.76
N GLU B 432 44.64 -7.71 72.47
CA GLU B 432 45.17 -6.35 72.45
C GLU B 432 45.70 -5.96 71.07
N VAL B 433 46.39 -6.88 70.41
CA VAL B 433 46.96 -6.64 69.08
C VAL B 433 45.84 -6.36 68.07
N LEU B 434 44.77 -7.15 68.14
CA LEU B 434 43.62 -7.00 67.23
C LEU B 434 42.85 -5.71 67.46
N GLN B 435 42.71 -5.30 68.72
CA GLN B 435 41.98 -4.07 69.05
C GLN B 435 42.72 -2.81 68.63
N GLU B 436 44.05 -2.92 68.46
CA GLU B 436 44.86 -1.82 67.95
C GLU B 436 44.83 -1.73 66.43
N TRP B 437 44.56 -2.86 65.77
CA TRP B 437 44.36 -2.87 64.31
C TRP B 437 43.10 -2.16 63.94
N GLU B 438 42.05 -2.36 64.76
CA GLU B 438 40.77 -1.71 64.57
C GLU B 438 40.83 -0.21 64.87
N ALA B 439 41.82 0.19 65.67
CA ALA B 439 42.02 1.58 66.05
C ALA B 439 42.54 2.47 64.90
N GLU B 440 42.83 1.87 63.76
CA GLU B 440 43.26 2.62 62.57
C GLU B 440 42.19 2.61 61.48
#